data_8WCW
#
_entry.id   8WCW
#
_cell.length_a   1.00
_cell.length_b   1.00
_cell.length_c   1.00
_cell.angle_alpha   90.00
_cell.angle_beta   90.00
_cell.angle_gamma   90.00
#
_symmetry.space_group_name_H-M   'P 1'
#
loop_
_entity.id
_entity.type
_entity.pdbx_description
1 polymer 'Transmembrane ATP-binding protein ABC transporter'
2 polymer 'ABC transporter transmembrane region'
#
loop_
_entity_poly.entity_id
_entity_poly.type
_entity_poly.pdbx_seq_one_letter_code
_entity_poly.pdbx_strand_id
1 'polypeptide(L)'
;SYFQSNMLWALLRQYVRPYRWLLAVVAVLQVISNMASLYLPTVNAAIIDDGVAKGDTARIVELGAVMLGVTALQVVCAVG
AVFFGARAATGFGHDLRAAVFTHVTTFSAEEAGRFGAASLLTRTTNDVGHIQQLVQLTVTMLITAPIMSIGGIFMALHQD
AGLSWLLLVSVPVLGLANYWIIRHLMPVFTRMQSLIDGINRVLRDQLSGIRVIRAFAREPLERVRFAEANQTLSDSALEA
GRWQALMLPVTTLVINVSSVALIWFGGLRIDAGQMQVGSLIAFLAYFMQILMAVLMATFMLVIFPRAAVCADRIGEVLST
QTAITNPADPVRPAAIAGDIGVHDATFCYPGADRPVLQDVSFTVPRGTTTAVVGSTGSGKSTLISLICRLYDVTSGSLRI
DGVDVRDLDIEQLWSAIGLVPQRGYLFSGTVAENLRYGRADATDDEMWEALRVAAAADFVRAHPQGLDMPVAQGGINFSG
GQRQRLAIARAVIRRPAIYLFDDAFSALDVHTDARVRDALREVAADATVVIVSQRISTVIEADQVVVIDDGRVVGIGTHD
TLLADCPIYAEFAESQALTAGEPR
;
A
2 'polypeptide(L)'
;MRRGALPQAPLERTRDFKGSAIRLARRLLPQRALTLAVILLGVGGIAIGVIGPRILGHATDLLFNGVIGRELPAGLTKEQ
AVEAARARGDGTFADLLSGMDIVPGQGVDFGAVGRTLALALGLYLVAALLVWVQARLLNVTVQRTMVALRAEVQEKIHRL
PLSYFDSRQRGEVLSRVTNDVDNIQNSVSMTISQLLTSVLTVFAVLVMMLTISPLLTLFTVVTVPASLWVTRWITRRSQP
LFVAQWRNTGRLAAHLEETYSGFTIVKTFGHREAAAGKFAELNSETQQSSFGAQFFSGLVSPATMFIGNLSYVAVAVVGG
LQVATGQITLGSIQAFIQYVRQFNQPLTQVAGMYNTLQSGIASAERVFDLLDTEEESADSPRRADVRTGRVEFEHVSFSY
VPGTPVIEDLSLVAEPGSTVAIVGPTGAGKTTLVNLLMRFYDVDSGRITIDGVDIASVSRESLRASIGMVLQDTWLFAGT
IYDNIAYGRPDADEDEVIEAATAAYVDRFVHTLPNGYDTRVDDDGGAISAGEKQLITIARAVLARPKLLVLDEATSSVDT
RTELLIAHAMAELRRDRTSFIIAHRLSTIRDADLILVMDSGRIIERGTHEELLARHGRYWEMTRVHLGGIKAFHHHHHHH
HHH
;
B
#
# COMPACT_ATOMS: atom_id res chain seq x y z
N SER A 5 18.78 -1.41 -10.34
CA SER A 5 20.20 -1.32 -9.98
C SER A 5 20.92 -0.36 -10.91
N ASN A 6 20.96 -0.69 -12.20
CA ASN A 6 21.55 0.18 -13.20
C ASN A 6 20.57 1.22 -13.72
N MET A 7 19.28 1.05 -13.46
CA MET A 7 18.26 2.01 -13.90
C MET A 7 17.96 3.05 -12.84
N LEU A 8 18.06 2.69 -11.56
CA LEU A 8 17.80 3.65 -10.50
C LEU A 8 18.68 4.88 -10.64
N TRP A 9 19.97 4.69 -10.89
CA TRP A 9 20.82 5.84 -11.13
C TRP A 9 20.54 6.48 -12.48
N ALA A 10 20.02 5.70 -13.44
CA ALA A 10 19.77 6.24 -14.77
C ALA A 10 18.73 7.35 -14.74
N LEU A 11 17.71 7.24 -13.89
CA LEU A 11 16.73 8.30 -13.73
C LEU A 11 17.04 9.22 -12.56
N LEU A 12 17.69 8.70 -11.52
CA LEU A 12 18.11 9.52 -10.41
C LEU A 12 19.24 10.47 -10.78
N ARG A 13 19.81 10.34 -11.97
CA ARG A 13 20.75 11.31 -12.50
C ARG A 13 20.09 12.29 -13.45
N GLN A 14 19.01 11.88 -14.12
CA GLN A 14 18.39 12.68 -15.16
C GLN A 14 17.31 13.60 -14.62
N TYR A 15 16.52 13.14 -13.65
CA TYR A 15 15.42 13.95 -13.15
C TYR A 15 15.76 14.75 -11.91
N VAL A 16 16.98 14.60 -11.38
CA VAL A 16 17.50 15.51 -10.37
C VAL A 16 18.42 16.56 -10.98
N ARG A 17 18.60 16.53 -12.30
CA ARG A 17 19.54 17.44 -12.95
C ARG A 17 19.19 18.91 -12.77
N PRO A 18 17.93 19.34 -12.77
CA PRO A 18 17.68 20.78 -12.53
C PRO A 18 18.02 21.22 -11.12
N TYR A 19 17.89 20.35 -10.14
CA TYR A 19 18.20 20.69 -8.75
C TYR A 19 19.61 20.24 -8.38
N ARG A 20 20.58 20.75 -9.14
CA ARG A 20 21.97 20.53 -8.78
C ARG A 20 22.46 21.56 -7.78
N TRP A 21 22.13 22.82 -8.00
CA TRP A 21 22.57 23.86 -7.09
C TRP A 21 21.88 23.73 -5.73
N LEU A 22 20.64 23.24 -5.71
CA LEU A 22 19.99 22.99 -4.43
C LEU A 22 20.72 21.93 -3.64
N LEU A 23 21.15 20.86 -4.29
CA LEU A 23 21.88 19.82 -3.57
C LEU A 23 23.27 20.29 -3.18
N ALA A 24 23.90 21.16 -3.98
CA ALA A 24 25.17 21.75 -3.58
C ALA A 24 25.00 22.61 -2.33
N VAL A 25 23.95 23.41 -2.26
CA VAL A 25 23.72 24.23 -1.08
C VAL A 25 23.39 23.35 0.13
N VAL A 26 22.62 22.28 -0.08
CA VAL A 26 22.32 21.37 1.02
C VAL A 26 23.62 20.78 1.56
N ALA A 27 24.53 20.38 0.67
CA ALA A 27 25.78 19.78 1.14
C ALA A 27 26.64 20.80 1.88
N VAL A 28 26.74 22.03 1.36
CA VAL A 28 27.61 23.00 1.99
C VAL A 28 27.00 23.55 3.28
N LEU A 29 25.70 23.35 3.50
CA LEU A 29 25.13 23.69 4.79
C LEU A 29 25.23 22.55 5.79
N GLN A 30 25.10 21.30 5.32
CA GLN A 30 25.30 20.17 6.21
C GLN A 30 26.73 20.11 6.71
N VAL A 31 27.69 20.44 5.85
CA VAL A 31 29.09 20.46 6.29
C VAL A 31 29.27 21.43 7.44
N ILE A 32 28.71 22.64 7.31
CA ILE A 32 28.89 23.65 8.35
C ILE A 32 28.17 23.25 9.62
N SER A 33 26.96 22.70 9.51
CA SER A 33 26.24 22.26 10.70
C SER A 33 27.02 21.20 11.46
N ASN A 34 27.54 20.21 10.74
CA ASN A 34 28.24 19.13 11.42
C ASN A 34 29.59 19.58 11.97
N MET A 35 30.27 20.48 11.25
CA MET A 35 31.54 21.00 11.77
C MET A 35 31.32 21.84 13.01
N ALA A 36 30.20 22.56 13.11
CA ALA A 36 29.95 23.32 14.33
C ALA A 36 29.57 22.39 15.48
N SER A 37 28.76 21.37 15.19
CA SER A 37 28.44 20.38 16.22
C SER A 37 29.68 19.67 16.72
N LEU A 38 30.71 19.53 15.87
CA LEU A 38 31.97 18.96 16.31
C LEU A 38 32.88 19.98 16.97
N TYR A 39 32.73 21.25 16.65
CA TYR A 39 33.58 22.29 17.21
C TYR A 39 33.14 22.76 18.57
N LEU A 40 31.93 22.42 19.02
CA LEU A 40 31.59 22.73 20.40
C LEU A 40 32.51 22.02 21.41
N PRO A 41 32.70 20.70 21.34
CA PRO A 41 33.60 20.06 22.32
C PRO A 41 35.01 20.59 22.33
N THR A 42 35.54 21.07 21.20
CA THR A 42 36.91 21.57 21.25
C THR A 42 36.99 22.96 21.88
N VAL A 43 35.93 23.76 21.82
CA VAL A 43 35.92 24.97 22.63
C VAL A 43 35.81 24.62 24.10
N ASN A 44 35.07 23.56 24.42
CA ASN A 44 35.02 23.14 25.83
C ASN A 44 36.40 22.66 26.29
N ALA A 45 37.14 21.97 25.44
CA ALA A 45 38.50 21.57 25.77
C ALA A 45 39.38 22.78 25.97
N ALA A 46 39.22 23.82 25.14
CA ALA A 46 40.00 25.04 25.33
C ALA A 46 39.61 25.77 26.61
N ILE A 47 38.37 25.61 27.05
CA ILE A 47 37.98 26.10 28.37
C ILE A 47 38.79 25.39 29.45
N ILE A 48 38.87 24.06 29.36
CA ILE A 48 39.55 23.31 30.41
C ILE A 48 41.07 23.47 30.36
N ASP A 49 41.64 23.81 29.20
CA ASP A 49 43.08 24.00 29.12
C ASP A 49 43.48 25.41 29.53
N ASP A 50 42.89 26.43 28.92
CA ASP A 50 43.21 27.83 29.20
C ASP A 50 42.44 28.40 30.38
N GLY A 51 41.40 27.71 30.84
CA GLY A 51 40.58 28.13 31.96
C GLY A 51 40.98 27.39 33.21
N VAL A 52 40.31 26.29 33.55
CA VAL A 52 40.68 25.61 34.78
C VAL A 52 41.86 24.70 34.51
N ALA A 53 43.02 25.32 34.31
CA ALA A 53 44.34 24.79 34.61
C ALA A 53 45.22 25.86 35.20
N LYS A 54 44.90 27.12 34.96
CA LYS A 54 45.49 28.32 35.49
C LYS A 54 44.41 29.07 36.27
N GLY A 55 44.71 30.32 36.64
CA GLY A 55 43.73 31.10 37.39
C GLY A 55 42.69 31.82 36.55
N ASP A 56 42.79 31.76 35.23
CA ASP A 56 41.88 32.52 34.39
C ASP A 56 40.45 32.03 34.52
N THR A 57 39.53 32.98 34.71
CA THR A 57 38.10 32.74 34.56
C THR A 57 37.45 33.64 33.51
N ALA A 58 38.00 34.84 33.30
CA ALA A 58 37.56 35.65 32.18
C ALA A 58 37.75 34.91 30.86
N ARG A 59 38.78 34.06 30.77
CA ARG A 59 38.95 33.26 29.57
C ARG A 59 37.83 32.25 29.42
N ILE A 60 37.35 31.68 30.52
CA ILE A 60 36.20 30.78 30.46
C ILE A 60 34.98 31.51 29.97
N VAL A 61 34.76 32.74 30.44
CA VAL A 61 33.58 33.49 30.00
C VAL A 61 33.69 33.84 28.51
N GLU A 62 34.88 34.25 28.06
CA GLU A 62 35.06 34.55 26.64
C GLU A 62 34.79 33.32 25.78
N LEU A 63 35.28 32.16 26.19
CA LEU A 63 35.04 30.97 25.41
C LEU A 63 33.58 30.53 25.44
N GLY A 64 32.87 30.83 26.52
CA GLY A 64 31.42 30.64 26.50
C GLY A 64 30.74 31.53 25.49
N ALA A 65 31.18 32.80 25.40
CA ALA A 65 30.66 33.68 24.38
C ALA A 65 30.91 33.13 22.98
N VAL A 66 32.04 32.47 22.79
CA VAL A 66 32.33 31.85 21.49
C VAL A 66 31.37 30.69 21.23
N MET A 67 31.14 29.85 22.24
CA MET A 67 30.26 28.69 22.06
C MET A 67 28.83 29.11 21.74
N LEU A 68 28.39 30.26 22.26
CA LEU A 68 27.06 30.76 21.90
C LEU A 68 26.96 31.04 20.40
N GLY A 69 27.93 31.76 19.86
CA GLY A 69 27.94 31.99 18.42
C GLY A 69 27.96 30.71 17.63
N VAL A 70 28.75 29.73 18.08
CA VAL A 70 28.85 28.48 17.33
C VAL A 70 27.51 27.76 17.29
N THR A 71 26.80 27.70 18.42
CA THR A 71 25.53 26.98 18.39
C THR A 71 24.46 27.72 17.59
N ALA A 72 24.48 29.06 17.61
CA ALA A 72 23.55 29.80 16.75
C ALA A 72 23.82 29.52 15.28
N LEU A 73 25.10 29.54 14.88
CA LEU A 73 25.46 29.21 13.51
C LEU A 73 24.98 27.82 13.14
N GLN A 74 25.13 26.86 14.04
CA GLN A 74 24.72 25.50 13.74
C GLN A 74 23.23 25.41 13.50
N VAL A 75 22.41 26.07 14.33
CA VAL A 75 20.97 25.94 14.13
C VAL A 75 20.54 26.61 12.83
N VAL A 76 21.14 27.76 12.50
CA VAL A 76 20.79 28.43 11.25
C VAL A 76 21.10 27.53 10.06
N CYS A 77 22.29 26.94 10.04
CA CYS A 77 22.67 26.09 8.93
C CYS A 77 21.80 24.84 8.85
N ALA A 78 21.44 24.26 9.99
CA ALA A 78 20.61 23.06 9.95
C ALA A 78 19.23 23.35 9.40
N VAL A 79 18.62 24.46 9.81
CA VAL A 79 17.29 24.80 9.30
C VAL A 79 17.36 25.08 7.80
N GLY A 80 18.39 25.79 7.35
CA GLY A 80 18.54 26.01 5.91
C GLY A 80 18.67 24.71 5.14
N ALA A 81 19.45 23.78 5.67
CA ALA A 81 19.60 22.48 5.00
C ALA A 81 18.28 21.75 4.91
N VAL A 82 17.48 21.77 5.98
CA VAL A 82 16.16 21.14 5.94
C VAL A 82 15.31 21.76 4.84
N PHE A 83 15.28 23.09 4.78
CA PHE A 83 14.46 23.80 3.81
C PHE A 83 14.82 23.38 2.38
N PHE A 84 16.11 23.50 2.02
CA PHE A 84 16.49 23.23 0.65
C PHE A 84 16.40 21.74 0.32
N GLY A 85 16.66 20.87 1.28
CA GLY A 85 16.49 19.45 1.03
C GLY A 85 15.06 19.09 0.73
N ALA A 86 14.11 19.65 1.47
CA ALA A 86 12.70 19.39 1.18
C ALA A 86 12.33 19.94 -0.19
N ARG A 87 12.78 21.15 -0.52
CA ARG A 87 12.47 21.73 -1.81
C ARG A 87 12.93 20.83 -2.96
N ALA A 88 14.17 20.33 -2.87
CA ALA A 88 14.69 19.51 -3.96
C ALA A 88 14.05 18.13 -3.99
N ALA A 89 13.81 17.54 -2.82
CA ALA A 89 13.21 16.22 -2.78
C ALA A 89 11.77 16.21 -3.24
N THR A 90 11.08 17.35 -3.21
CA THR A 90 9.76 17.39 -3.81
C THR A 90 9.79 17.82 -5.27
N GLY A 91 10.75 18.65 -5.68
CA GLY A 91 10.90 18.91 -7.10
C GLY A 91 11.19 17.65 -7.89
N PHE A 92 12.10 16.81 -7.40
CA PHE A 92 12.27 15.47 -7.96
C PHE A 92 11.16 14.61 -7.39
N GLY A 93 10.13 14.39 -8.19
CA GLY A 93 8.94 13.74 -7.69
C GLY A 93 7.75 14.51 -8.19
N HIS A 94 7.91 15.83 -8.31
CA HIS A 94 6.97 16.58 -9.13
C HIS A 94 7.36 16.47 -10.60
N ASP A 95 8.63 16.23 -10.89
CA ASP A 95 9.06 16.05 -12.27
C ASP A 95 9.00 14.60 -12.73
N LEU A 96 9.25 13.66 -11.82
CA LEU A 96 9.29 12.25 -12.21
C LEU A 96 7.90 11.74 -12.61
N ARG A 97 6.92 11.93 -11.73
CA ARG A 97 5.56 11.48 -12.00
C ARG A 97 4.86 12.24 -13.14
N ALA A 98 5.53 13.26 -13.69
CA ALA A 98 4.99 14.06 -14.76
C ALA A 98 5.62 13.65 -16.08
N ALA A 99 6.91 13.33 -16.06
CA ALA A 99 7.52 12.66 -17.20
C ALA A 99 6.99 11.24 -17.36
N VAL A 100 6.44 10.65 -16.31
CA VAL A 100 5.81 9.34 -16.44
C VAL A 100 4.42 9.46 -17.06
N PHE A 101 3.63 10.43 -16.60
CA PHE A 101 2.27 10.58 -17.11
C PHE A 101 2.25 11.14 -18.53
N THR A 102 3.11 12.11 -18.82
CA THR A 102 3.20 12.62 -20.18
C THR A 102 3.69 11.56 -21.14
N HIS A 103 4.25 10.47 -20.63
CA HIS A 103 4.58 9.32 -21.46
C HIS A 103 3.40 8.38 -21.60
N VAL A 104 2.81 7.98 -20.47
CA VAL A 104 1.72 7.01 -20.49
C VAL A 104 0.54 7.52 -21.30
N THR A 105 0.36 8.84 -21.39
CA THR A 105 -0.71 9.34 -22.23
C THR A 105 -0.35 9.44 -23.70
N THR A 106 0.70 8.74 -24.14
CA THR A 106 1.02 8.63 -25.55
C THR A 106 0.94 7.20 -26.05
N PHE A 107 0.57 6.26 -25.19
CA PHE A 107 0.44 4.86 -25.57
C PHE A 107 -0.73 4.70 -26.54
N SER A 108 -0.96 3.46 -26.98
CA SER A 108 -2.00 3.21 -27.97
C SER A 108 -2.84 1.99 -27.60
N ALA A 109 -2.88 1.66 -26.31
CA ALA A 109 -3.70 0.59 -25.74
C ALA A 109 -3.17 -0.79 -26.13
N GLU A 110 -2.29 -0.83 -27.12
CA GLU A 110 -1.51 -2.04 -27.38
C GLU A 110 -0.20 -2.01 -26.62
N GLU A 111 0.30 -0.81 -26.35
CA GLU A 111 1.40 -0.62 -25.42
C GLU A 111 0.91 -0.40 -24.00
N ALA A 112 -0.38 -0.11 -23.83
CA ALA A 112 -0.96 0.03 -22.51
C ALA A 112 -1.62 -1.24 -22.03
N GLY A 113 -1.98 -2.16 -22.93
CA GLY A 113 -2.43 -3.47 -22.50
C GLY A 113 -1.36 -4.29 -21.84
N ARG A 114 -0.09 -3.93 -22.02
CA ARG A 114 1.01 -4.68 -21.43
C ARG A 114 1.13 -4.41 -19.93
N PHE A 115 0.70 -3.24 -19.47
CA PHE A 115 0.86 -2.85 -18.07
C PHE A 115 -0.41 -2.96 -17.25
N GLY A 116 -1.54 -2.58 -17.80
CA GLY A 116 -2.77 -2.66 -17.03
C GLY A 116 -3.09 -1.35 -16.34
N ALA A 117 -4.38 -1.08 -16.19
CA ALA A 117 -4.85 0.21 -15.67
C ALA A 117 -4.61 0.39 -14.18
N ALA A 118 -4.11 -0.61 -13.48
CA ALA A 118 -3.79 -0.49 -12.06
C ALA A 118 -2.30 -0.51 -11.79
N SER A 119 -1.55 -1.35 -12.50
CA SER A 119 -0.10 -1.31 -12.40
C SER A 119 0.42 0.03 -12.88
N LEU A 120 -0.18 0.59 -13.93
CA LEU A 120 0.20 1.92 -14.38
C LEU A 120 0.01 2.95 -13.28
N LEU A 121 -1.15 2.91 -12.62
CA LEU A 121 -1.44 3.88 -11.58
C LEU A 121 -0.45 3.75 -10.42
N THR A 122 -0.19 2.52 -9.96
CA THR A 122 0.74 2.38 -8.85
C THR A 122 2.15 2.78 -9.26
N ARG A 123 2.53 2.49 -10.50
CA ARG A 123 3.84 2.89 -11.00
C ARG A 123 4.01 4.39 -11.02
N THR A 124 2.97 5.13 -11.36
CA THR A 124 3.07 6.58 -11.42
C THR A 124 2.66 7.27 -10.13
N THR A 125 2.24 6.52 -9.12
CA THR A 125 1.88 7.12 -7.84
C THR A 125 2.82 6.76 -6.71
N ASN A 126 3.03 5.46 -6.45
CA ASN A 126 3.76 5.04 -5.25
C ASN A 126 5.22 4.74 -5.51
N ASP A 127 5.60 4.33 -6.71
CA ASP A 127 7.02 4.11 -6.99
C ASP A 127 7.78 5.43 -6.94
N VAL A 128 7.19 6.50 -7.48
CA VAL A 128 7.83 7.81 -7.37
C VAL A 128 7.92 8.22 -5.91
N GLY A 129 6.92 7.87 -5.10
CA GLY A 129 7.00 8.16 -3.69
C GLY A 129 8.14 7.42 -3.01
N HIS A 130 8.34 6.16 -3.38
CA HIS A 130 9.40 5.37 -2.77
C HIS A 130 10.78 5.86 -3.18
N ILE A 131 10.91 6.40 -4.39
CA ILE A 131 12.19 6.97 -4.79
C ILE A 131 12.41 8.34 -4.14
N GLN A 132 11.35 9.12 -4.03
CA GLN A 132 11.46 10.45 -3.42
C GLN A 132 11.77 10.37 -1.94
N GLN A 133 11.20 9.39 -1.24
CA GLN A 133 11.57 9.17 0.15
C GLN A 133 13.06 8.85 0.28
N LEU A 134 13.58 8.07 -0.66
CA LEU A 134 15.00 7.76 -0.64
C LEU A 134 15.84 9.01 -0.84
N VAL A 135 15.44 9.88 -1.77
CA VAL A 135 16.19 11.11 -1.98
C VAL A 135 16.14 11.99 -0.73
N GLN A 136 14.98 12.07 -0.09
CA GLN A 136 14.85 12.87 1.12
C GLN A 136 15.76 12.34 2.21
N LEU A 137 15.73 11.03 2.46
CA LEU A 137 16.54 10.45 3.51
C LEU A 137 18.03 10.46 3.18
N THR A 138 18.39 10.49 1.89
CA THR A 138 19.80 10.56 1.53
C THR A 138 20.30 12.00 1.42
N VAL A 139 19.42 12.99 1.52
CA VAL A 139 19.87 14.37 1.67
C VAL A 139 19.70 14.91 3.07
N THR A 140 19.05 14.16 3.98
CA THR A 140 18.95 14.61 5.36
C THR A 140 19.53 13.66 6.39
N MET A 141 19.80 12.40 6.04
CA MET A 141 20.28 11.44 7.03
C MET A 141 21.51 10.66 6.62
N LEU A 142 21.74 10.41 5.33
CA LEU A 142 22.94 9.69 4.91
C LEU A 142 24.13 10.59 4.73
N ILE A 143 23.91 11.88 4.48
CA ILE A 143 25.01 12.80 4.27
C ILE A 143 25.77 13.08 5.56
N THR A 144 25.11 12.92 6.71
CA THR A 144 25.81 13.15 7.97
C THR A 144 26.85 12.09 8.28
N ALA A 145 26.87 10.97 7.57
CA ALA A 145 27.85 9.94 7.87
C ALA A 145 29.24 10.29 7.33
N PRO A 146 29.40 10.55 6.03
CA PRO A 146 30.76 10.88 5.55
C PRO A 146 31.25 12.21 6.07
N ILE A 147 30.36 13.21 6.13
CA ILE A 147 30.74 14.52 6.65
C ILE A 147 31.25 14.39 8.07
N MET A 148 30.45 13.77 8.94
CA MET A 148 30.86 13.65 10.34
C MET A 148 32.13 12.82 10.47
N SER A 149 32.23 11.73 9.72
CA SER A 149 33.42 10.87 9.82
C SER A 149 34.69 11.64 9.45
N ILE A 150 34.72 12.22 8.25
CA ILE A 150 35.95 12.87 7.80
C ILE A 150 36.23 14.13 8.59
N GLY A 151 35.19 14.90 8.90
CA GLY A 151 35.39 16.07 9.75
C GLY A 151 35.87 15.70 11.13
N GLY A 152 35.45 14.55 11.65
CA GLY A 152 35.92 14.13 12.96
C GLY A 152 37.36 13.71 12.94
N ILE A 153 37.78 12.98 11.90
CA ILE A 153 39.19 12.65 11.76
C ILE A 153 40.02 13.93 11.64
N PHE A 154 39.53 14.93 10.91
CA PHE A 154 40.34 16.14 10.74
C PHE A 154 40.36 16.98 12.02
N MET A 155 39.24 17.04 12.74
CA MET A 155 39.23 17.73 14.03
C MET A 155 40.14 17.02 15.02
N ALA A 156 40.20 15.69 14.98
CA ALA A 156 41.09 14.98 15.87
C ALA A 156 42.54 15.22 15.51
N LEU A 157 42.87 15.20 14.22
CA LEU A 157 44.22 15.54 13.79
C LEU A 157 44.62 16.93 14.27
N HIS A 158 43.70 17.89 14.21
CA HIS A 158 44.06 19.24 14.63
C HIS A 158 44.19 19.34 16.15
N GLN A 159 43.29 18.70 16.89
CA GLN A 159 43.29 18.81 18.34
C GLN A 159 44.59 18.27 18.92
N ASP A 160 44.82 16.97 18.76
CA ASP A 160 46.11 16.38 19.13
C ASP A 160 46.37 15.21 18.20
N ALA A 161 47.39 15.33 17.35
CA ALA A 161 47.66 14.32 16.34
C ALA A 161 48.55 13.22 16.89
N GLY A 162 48.18 12.66 18.04
CA GLY A 162 48.86 11.51 18.57
C GLY A 162 47.85 10.46 19.01
N LEU A 163 46.59 10.88 19.07
CA LEU A 163 45.49 10.00 19.42
C LEU A 163 44.44 9.92 18.33
N SER A 164 44.72 10.46 17.15
CA SER A 164 43.80 10.33 16.05
C SER A 164 43.78 8.92 15.48
N TRP A 165 44.84 8.15 15.68
CA TRP A 165 44.80 6.77 15.24
C TRP A 165 43.76 5.95 16.00
N LEU A 166 43.37 6.40 17.20
CA LEU A 166 42.21 5.80 17.83
C LEU A 166 40.98 5.93 16.95
N LEU A 167 40.78 7.11 16.35
CA LEU A 167 39.69 7.26 15.39
C LEU A 167 39.91 6.39 14.17
N LEU A 168 41.12 6.39 13.64
CA LEU A 168 41.41 5.63 12.42
C LEU A 168 41.34 4.13 12.62
N VAL A 169 41.27 3.65 13.86
CA VAL A 169 41.12 2.21 14.10
C VAL A 169 39.70 1.92 14.58
N SER A 170 39.03 2.91 15.16
CA SER A 170 37.69 2.67 15.67
C SER A 170 36.61 2.84 14.62
N VAL A 171 36.83 3.68 13.62
CA VAL A 171 35.82 3.89 12.58
C VAL A 171 35.81 2.72 11.60
N PRO A 172 36.96 2.27 11.07
CA PRO A 172 36.92 1.12 10.16
C PRO A 172 36.34 -0.14 10.79
N VAL A 173 36.66 -0.42 12.06
CA VAL A 173 36.15 -1.63 12.69
C VAL A 173 34.63 -1.59 12.75
N LEU A 174 34.07 -0.46 13.16
CA LEU A 174 32.63 -0.33 13.25
C LEU A 174 31.99 -0.41 11.86
N GLY A 175 32.57 0.26 10.88
CA GLY A 175 32.02 0.21 9.53
C GLY A 175 32.02 -1.21 8.97
N LEU A 176 33.10 -1.95 9.21
CA LEU A 176 33.20 -3.31 8.70
C LEU A 176 32.20 -4.24 9.41
N ALA A 177 32.09 -4.12 10.73
CA ALA A 177 31.13 -4.94 11.46
C ALA A 177 29.71 -4.67 10.98
N ASN A 178 29.36 -3.40 10.80
CA ASN A 178 28.02 -3.07 10.35
C ASN A 178 27.79 -3.51 8.91
N TYR A 179 28.82 -3.46 8.07
CA TYR A 179 28.66 -3.99 6.72
C TYR A 179 28.37 -5.48 6.74
N TRP A 180 29.08 -6.22 7.59
CA TRP A 180 28.83 -7.65 7.71
C TRP A 180 27.40 -7.91 8.16
N ILE A 181 26.95 -7.20 9.19
CA ILE A 181 25.60 -7.40 9.71
C ILE A 181 24.56 -7.08 8.64
N ILE A 182 24.76 -5.97 7.91
CA ILE A 182 23.79 -5.58 6.89
C ILE A 182 23.76 -6.59 5.75
N ARG A 183 24.93 -7.06 5.33
CA ARG A 183 24.99 -8.06 4.27
C ARG A 183 24.25 -9.32 4.68
N HIS A 184 24.34 -9.70 5.96
CA HIS A 184 23.60 -10.88 6.41
C HIS A 184 22.13 -10.61 6.62
N LEU A 185 21.74 -9.36 6.87
CA LEU A 185 20.37 -9.03 7.23
C LEU A 185 19.48 -8.72 6.03
N MET A 186 20.05 -8.27 4.92
CA MET A 186 19.20 -7.84 3.81
C MET A 186 18.37 -8.96 3.19
N PRO A 187 18.92 -10.15 2.89
CA PRO A 187 18.09 -11.17 2.24
C PRO A 187 16.89 -11.61 3.07
N VAL A 188 17.08 -11.84 4.37
CA VAL A 188 15.97 -12.26 5.20
C VAL A 188 14.95 -11.13 5.30
N PHE A 189 15.38 -9.88 5.15
CA PHE A 189 14.44 -8.78 5.16
C PHE A 189 13.55 -8.81 3.92
N THR A 190 14.15 -9.02 2.75
CA THR A 190 13.34 -9.11 1.54
C THR A 190 12.41 -10.32 1.58
N ARG A 191 12.89 -11.45 2.09
CA ARG A 191 12.05 -12.63 2.20
C ARG A 191 10.89 -12.39 3.15
N MET A 192 11.13 -11.70 4.27
CA MET A 192 10.06 -11.37 5.19
C MET A 192 9.02 -10.47 4.54
N GLN A 193 9.48 -9.51 3.72
CA GLN A 193 8.52 -8.66 3.02
C GLN A 193 7.66 -9.48 2.07
N SER A 194 8.27 -10.43 1.34
CA SER A 194 7.50 -11.27 0.45
C SER A 194 6.48 -12.11 1.23
N LEU A 195 6.86 -12.61 2.40
CA LEU A 195 5.92 -13.39 3.19
C LEU A 195 4.79 -12.52 3.73
N ILE A 196 5.07 -11.25 4.04
CA ILE A 196 4.01 -10.33 4.42
C ILE A 196 3.01 -10.18 3.29
N ASP A 197 3.50 -9.97 2.07
CA ASP A 197 2.57 -9.91 0.94
C ASP A 197 1.80 -11.21 0.76
N GLY A 198 2.42 -12.35 1.03
CA GLY A 198 1.72 -13.62 0.94
C GLY A 198 0.57 -13.75 1.93
N ILE A 199 0.80 -13.33 3.17
CA ILE A 199 -0.28 -13.43 4.16
C ILE A 199 -1.37 -12.40 3.85
N ASN A 200 -1.01 -11.24 3.32
CA ASN A 200 -2.04 -10.29 2.92
C ASN A 200 -2.88 -10.85 1.78
N ARG A 201 -2.25 -11.57 0.86
CA ARG A 201 -3.01 -12.20 -0.22
C ARG A 201 -3.93 -13.29 0.32
N VAL A 202 -3.47 -14.05 1.31
CA VAL A 202 -4.34 -15.06 1.92
C VAL A 202 -5.56 -14.40 2.54
N LEU A 203 -5.36 -13.33 3.31
CA LEU A 203 -6.50 -12.62 3.89
C LEU A 203 -7.45 -12.10 2.82
N ARG A 204 -6.91 -11.48 1.77
CA ARG A 204 -7.76 -10.94 0.71
C ARG A 204 -8.58 -12.03 0.05
N ASP A 205 -7.97 -13.18 -0.23
CA ASP A 205 -8.70 -14.28 -0.85
C ASP A 205 -9.73 -14.88 0.09
N GLN A 206 -9.48 -14.86 1.40
CA GLN A 206 -10.48 -15.36 2.33
C GLN A 206 -11.65 -14.40 2.48
N LEU A 207 -11.40 -13.11 2.37
CA LEU A 207 -12.47 -12.13 2.57
C LEU A 207 -13.28 -11.88 1.32
N SER A 208 -12.70 -12.03 0.13
CA SER A 208 -13.48 -11.82 -1.08
C SER A 208 -14.38 -13.00 -1.43
N GLY A 209 -14.18 -14.15 -0.81
CA GLY A 209 -14.97 -15.32 -1.11
C GLY A 209 -15.62 -15.94 0.11
N ILE A 210 -16.14 -15.10 1.00
CA ILE A 210 -16.65 -15.58 2.28
C ILE A 210 -17.97 -16.33 2.16
N ARG A 211 -18.55 -16.39 0.97
CA ARG A 211 -19.73 -17.23 0.77
C ARG A 211 -19.35 -18.62 0.28
N VAL A 212 -18.33 -18.70 -0.56
CA VAL A 212 -17.88 -19.99 -1.08
C VAL A 212 -17.14 -20.77 0.00
N ILE A 213 -16.56 -20.07 0.97
CA ILE A 213 -15.91 -20.76 2.08
C ILE A 213 -16.95 -21.34 3.02
N ARG A 214 -18.04 -20.61 3.24
CA ARG A 214 -19.06 -21.09 4.17
C ARG A 214 -19.92 -22.17 3.55
N ALA A 215 -20.27 -22.04 2.28
CA ALA A 215 -20.66 -23.23 1.55
C ALA A 215 -19.44 -24.13 1.42
N PHE A 216 -19.69 -25.42 1.20
CA PHE A 216 -18.65 -26.45 1.20
C PHE A 216 -18.09 -26.66 2.61
N ALA A 217 -18.49 -25.80 3.55
CA ALA A 217 -18.10 -25.94 4.96
C ALA A 217 -16.59 -26.02 5.15
N ARG A 218 -15.84 -25.29 4.33
CA ARG A 218 -14.38 -25.36 4.38
C ARG A 218 -13.77 -24.29 5.28
N GLU A 219 -14.27 -24.15 6.49
CA GLU A 219 -13.64 -23.22 7.41
C GLU A 219 -12.43 -23.85 8.12
N PRO A 220 -12.52 -25.10 8.60
CA PRO A 220 -11.33 -25.72 9.20
C PRO A 220 -10.17 -25.89 8.24
N LEU A 221 -10.43 -25.93 6.93
CA LEU A 221 -9.35 -26.00 5.95
C LEU A 221 -8.77 -24.64 5.64
N GLU A 222 -9.49 -23.56 5.91
CA GLU A 222 -8.96 -22.22 5.74
C GLU A 222 -8.31 -21.68 7.00
N ARG A 223 -8.57 -22.29 8.15
CA ARG A 223 -7.82 -21.89 9.34
C ARG A 223 -6.43 -22.48 9.34
N VAL A 224 -6.29 -23.72 8.85
CA VAL A 224 -4.98 -24.38 8.82
C VAL A 224 -4.03 -23.68 7.87
N ARG A 225 -4.53 -23.29 6.70
CA ARG A 225 -3.70 -22.58 5.72
C ARG A 225 -3.19 -21.26 6.29
N PHE A 226 -4.07 -20.50 6.93
CA PHE A 226 -3.64 -19.23 7.50
C PHE A 226 -2.68 -19.45 8.65
N ALA A 227 -2.90 -20.50 9.45
CA ALA A 227 -1.96 -20.78 10.53
C ALA A 227 -0.58 -21.09 9.99
N GLU A 228 -0.51 -21.85 8.89
CA GLU A 228 0.78 -22.13 8.28
C GLU A 228 1.46 -20.84 7.83
N ALA A 229 0.74 -20.01 7.09
CA ALA A 229 1.32 -18.75 6.61
C ALA A 229 1.76 -17.87 7.78
N ASN A 230 0.99 -17.88 8.86
CA ASN A 230 1.31 -17.03 10.00
C ASN A 230 2.57 -17.50 10.71
N GLN A 231 2.68 -18.80 10.97
CA GLN A 231 3.89 -19.30 11.63
C GLN A 231 5.11 -19.10 10.76
N THR A 232 4.97 -19.25 9.44
CA THR A 232 6.12 -19.01 8.57
C THR A 232 6.57 -17.56 8.63
N LEU A 233 5.62 -16.63 8.54
CA LEU A 233 5.98 -15.22 8.63
C LEU A 233 6.62 -14.90 9.98
N SER A 234 6.11 -15.50 11.06
CA SER A 234 6.68 -15.23 12.38
C SER A 234 8.12 -15.72 12.47
N ASP A 235 8.38 -16.93 11.99
CA ASP A 235 9.74 -17.45 12.00
C ASP A 235 10.67 -16.56 11.19
N SER A 236 10.21 -16.08 10.03
CA SER A 236 11.04 -15.21 9.22
C SER A 236 11.32 -13.89 9.94
N ALA A 237 10.32 -13.35 10.65
CA ALA A 237 10.55 -12.09 11.35
C ALA A 237 11.49 -12.27 12.52
N LEU A 238 11.44 -13.42 13.19
CA LEU A 238 12.39 -13.69 14.26
C LEU A 238 13.81 -13.78 13.70
N GLU A 239 13.98 -14.50 12.59
CA GLU A 239 15.30 -14.61 11.99
C GLU A 239 15.79 -13.27 11.49
N ALA A 240 14.88 -12.37 11.11
CA ALA A 240 15.30 -11.03 10.70
C ALA A 240 15.74 -10.20 11.89
N GLY A 241 15.00 -10.26 13.00
CA GLY A 241 15.38 -9.51 14.18
C GLY A 241 16.60 -10.05 14.89
N ARG A 242 16.99 -11.29 14.61
CA ARG A 242 18.19 -11.88 15.18
C ARG A 242 19.47 -11.10 14.87
N TRP A 243 19.44 -10.17 13.91
CA TRP A 243 20.60 -9.34 13.59
C TRP A 243 20.44 -7.88 13.98
N GLN A 244 19.22 -7.34 13.87
CA GLN A 244 18.96 -6.05 14.48
C GLN A 244 19.25 -6.08 15.97
N ALA A 245 19.12 -7.24 16.61
CA ALA A 245 19.53 -7.36 18.00
C ALA A 245 21.01 -7.10 18.17
N LEU A 246 21.83 -7.54 17.21
CA LEU A 246 23.27 -7.34 17.29
C LEU A 246 23.69 -5.92 16.96
N MET A 247 22.94 -5.26 16.08
CA MET A 247 23.47 -4.08 15.40
C MET A 247 23.88 -2.97 16.37
N LEU A 248 23.08 -2.71 17.40
CA LEU A 248 23.38 -1.61 18.32
C LEU A 248 24.41 -1.93 19.40
N PRO A 249 24.31 -3.08 20.09
CA PRO A 249 25.35 -3.42 21.08
C PRO A 249 26.76 -3.37 20.53
N VAL A 250 26.98 -3.76 19.28
CA VAL A 250 28.31 -3.68 18.70
C VAL A 250 28.78 -2.24 18.66
N THR A 251 27.90 -1.32 18.28
CA THR A 251 28.26 0.09 18.23
C THR A 251 28.62 0.62 19.61
N THR A 252 27.77 0.36 20.61
CA THR A 252 28.05 0.89 21.94
C THR A 252 29.31 0.25 22.52
N LEU A 253 29.55 -1.02 22.23
CA LEU A 253 30.75 -1.67 22.73
C LEU A 253 32.00 -1.07 22.11
N VAL A 254 31.96 -0.78 20.81
CA VAL A 254 33.11 -0.15 20.17
C VAL A 254 33.36 1.22 20.77
N ILE A 255 32.29 2.00 20.97
CA ILE A 255 32.43 3.32 21.57
C ILE A 255 33.09 3.23 22.93
N ASN A 256 32.62 2.30 23.77
CA ASN A 256 33.08 2.27 25.15
C ASN A 256 34.50 1.73 25.26
N VAL A 257 34.84 0.70 24.49
CA VAL A 257 36.21 0.20 24.50
C VAL A 257 37.16 1.26 23.96
N SER A 258 36.73 2.03 22.97
CA SER A 258 37.56 3.12 22.47
C SER A 258 37.75 4.19 23.52
N SER A 259 36.71 4.48 24.31
CA SER A 259 36.85 5.49 25.36
C SER A 259 37.81 5.03 26.45
N VAL A 260 37.75 3.76 26.85
CA VAL A 260 38.69 3.25 27.85
C VAL A 260 40.11 3.31 27.32
N ALA A 261 40.33 2.84 26.08
CA ALA A 261 41.66 2.91 25.50
C ALA A 261 42.13 4.34 25.36
N LEU A 262 41.22 5.26 25.05
CA LEU A 262 41.55 6.66 24.98
C LEU A 262 42.06 7.18 26.31
N ILE A 263 41.35 6.89 27.40
CA ILE A 263 41.81 7.35 28.70
C ILE A 263 43.19 6.78 29.01
N TRP A 264 43.41 5.49 28.74
CA TRP A 264 44.69 4.89 29.08
C TRP A 264 45.84 5.51 28.30
N PHE A 265 45.73 5.53 26.97
CA PHE A 265 46.83 6.03 26.15
C PHE A 265 46.98 7.54 26.28
N GLY A 266 45.88 8.27 26.40
CA GLY A 266 45.96 9.70 26.63
C GLY A 266 46.58 10.05 27.97
N GLY A 267 46.38 9.21 28.98
CA GLY A 267 47.07 9.44 30.24
C GLY A 267 48.56 9.15 30.14
N LEU A 268 48.91 8.05 29.46
CA LEU A 268 50.32 7.78 29.20
C LEU A 268 50.98 8.89 28.41
N ARG A 269 50.19 9.64 27.63
CA ARG A 269 50.73 10.74 26.84
C ARG A 269 50.77 12.04 27.64
N ILE A 270 49.76 12.28 28.47
CA ILE A 270 49.72 13.45 29.33
C ILE A 270 50.89 13.43 30.30
N ASP A 271 51.14 12.27 30.93
CA ASP A 271 52.26 12.13 31.84
C ASP A 271 53.53 12.78 31.30
N ALA A 272 53.88 12.46 30.06
CA ALA A 272 55.11 12.98 29.47
C ALA A 272 54.88 14.29 28.72
N GLY A 273 54.20 15.23 29.36
CA GLY A 273 54.02 16.59 28.87
C GLY A 273 53.79 16.77 27.38
N GLN A 274 52.98 15.91 26.76
CA GLN A 274 52.67 16.04 25.35
C GLN A 274 51.20 16.25 25.08
N MET A 275 50.40 16.56 26.11
CA MET A 275 48.97 16.75 25.93
C MET A 275 48.44 17.46 27.15
N GLN A 276 47.19 17.93 27.04
CA GLN A 276 46.44 18.47 28.14
C GLN A 276 45.28 17.53 28.46
N VAL A 277 44.42 17.95 29.38
CA VAL A 277 43.27 17.11 29.74
C VAL A 277 42.02 17.51 28.98
N GLY A 278 41.95 18.73 28.47
CA GLY A 278 40.86 19.08 27.58
C GLY A 278 40.76 18.15 26.40
N SER A 279 41.89 17.62 25.93
CA SER A 279 41.84 16.65 24.85
C SER A 279 41.05 15.41 25.26
N LEU A 280 41.21 14.97 26.51
CA LEU A 280 40.38 13.89 27.01
C LEU A 280 38.92 14.28 27.04
N ILE A 281 38.65 15.53 27.44
CA ILE A 281 37.25 15.95 27.53
C ILE A 281 36.60 16.04 26.15
N ALA A 282 37.41 16.23 25.10
CA ALA A 282 36.87 16.42 23.75
C ALA A 282 36.79 15.13 22.95
N PHE A 283 37.76 14.24 23.12
CA PHE A 283 37.81 13.04 22.28
C PHE A 283 36.65 12.10 22.58
N LEU A 284 36.17 12.06 23.81
CA LEU A 284 35.00 11.25 24.11
C LEU A 284 33.79 11.72 23.31
N ALA A 285 33.62 13.04 23.17
CA ALA A 285 32.54 13.56 22.37
C ALA A 285 32.72 13.24 20.90
N TYR A 286 33.96 13.38 20.40
CA TYR A 286 34.22 13.00 19.01
C TYR A 286 33.82 11.55 18.76
N PHE A 287 34.23 10.64 19.64
CA PHE A 287 33.89 9.23 19.48
C PHE A 287 32.39 9.03 19.46
N MET A 288 31.70 9.52 20.49
CA MET A 288 30.26 9.32 20.58
C MET A 288 29.55 9.80 19.32
N GLN A 289 29.81 11.05 18.93
CA GLN A 289 29.09 11.62 17.78
C GLN A 289 29.40 10.86 16.49
N ILE A 290 30.69 10.63 16.21
CA ILE A 290 31.05 9.98 14.96
C ILE A 290 30.41 8.60 14.85
N LEU A 291 30.56 7.80 15.90
CA LEU A 291 30.09 6.43 15.78
C LEU A 291 28.57 6.35 15.78
N MET A 292 27.89 7.25 16.49
CA MET A 292 26.43 7.25 16.42
C MET A 292 25.95 7.66 15.02
N ALA A 293 26.65 8.59 14.38
CA ALA A 293 26.30 8.95 13.02
C ALA A 293 26.43 7.77 12.07
N VAL A 294 27.54 7.04 12.17
CA VAL A 294 27.73 5.86 11.32
C VAL A 294 26.65 4.82 11.61
N LEU A 295 26.28 4.66 12.88
CA LEU A 295 25.22 3.73 13.23
C LEU A 295 23.91 4.10 12.54
N MET A 296 23.53 5.38 12.59
CA MET A 296 22.26 5.78 12.00
C MET A 296 22.28 5.61 10.49
N ALA A 297 23.41 5.90 9.85
CA ALA A 297 23.53 5.64 8.41
C ALA A 297 23.30 4.17 8.09
N THR A 298 23.93 3.28 8.86
CA THR A 298 23.76 1.85 8.59
C THR A 298 22.32 1.41 8.84
N PHE A 299 21.69 1.88 9.93
CA PHE A 299 20.26 1.70 10.12
C PHE A 299 19.49 2.01 8.84
N MET A 300 19.65 3.22 8.33
CA MET A 300 18.79 3.67 7.24
C MET A 300 19.10 2.96 5.93
N LEU A 301 20.32 2.44 5.77
CA LEU A 301 20.73 1.89 4.48
C LEU A 301 19.91 0.69 4.01
N VAL A 302 18.95 0.21 4.81
CA VAL A 302 18.17 -0.97 4.44
C VAL A 302 17.05 -0.65 3.46
N ILE A 303 16.93 0.60 3.02
CA ILE A 303 15.77 1.02 2.23
C ILE A 303 16.06 1.05 0.74
N PHE A 304 17.25 0.63 0.33
CA PHE A 304 17.73 0.83 -1.03
C PHE A 304 17.16 -0.14 -2.07
N PRO A 305 17.10 -1.45 -1.80
CA PRO A 305 16.62 -2.37 -2.85
C PRO A 305 15.17 -2.13 -3.25
N ARG A 306 14.33 -1.66 -2.31
CA ARG A 306 12.98 -1.29 -2.67
C ARG A 306 13.00 -0.17 -3.71
N ALA A 307 13.81 0.85 -3.49
CA ALA A 307 13.96 1.89 -4.49
C ALA A 307 14.49 1.34 -5.80
N ALA A 308 15.37 0.33 -5.74
CA ALA A 308 15.92 -0.23 -6.97
C ALA A 308 14.83 -0.91 -7.80
N VAL A 309 13.96 -1.69 -7.15
CA VAL A 309 12.92 -2.38 -7.90
C VAL A 309 11.86 -1.39 -8.40
N CYS A 310 11.51 -0.40 -7.59
CA CYS A 310 10.57 0.61 -8.06
C CYS A 310 11.12 1.38 -9.25
N ALA A 311 12.41 1.70 -9.24
CA ALA A 311 13.00 2.37 -10.39
C ALA A 311 13.08 1.46 -11.59
N ASP A 312 13.22 0.15 -11.37
CA ASP A 312 13.15 -0.78 -12.49
C ASP A 312 11.78 -0.71 -13.16
N ARG A 313 10.72 -0.68 -12.34
CA ARG A 313 9.36 -0.57 -12.90
C ARG A 313 9.19 0.74 -13.67
N ILE A 314 9.61 1.85 -13.07
CA ILE A 314 9.42 3.14 -13.72
C ILE A 314 10.22 3.23 -15.01
N GLY A 315 11.42 2.65 -15.02
CA GLY A 315 12.20 2.64 -16.25
C GLY A 315 11.57 1.76 -17.31
N GLU A 316 10.94 0.66 -16.90
CA GLU A 316 10.19 -0.16 -17.83
C GLU A 316 9.11 0.68 -18.51
N VAL A 317 8.37 1.46 -17.73
CA VAL A 317 7.34 2.32 -18.32
C VAL A 317 7.97 3.34 -19.26
N LEU A 318 8.99 4.04 -18.78
CA LEU A 318 9.63 5.10 -19.55
C LEU A 318 10.48 4.61 -20.71
N SER A 319 10.55 3.29 -20.93
CA SER A 319 11.37 2.76 -22.00
C SER A 319 10.60 2.42 -23.26
N THR A 320 9.36 1.95 -23.12
CA THR A 320 8.60 1.45 -24.28
C THR A 320 8.32 2.58 -25.25
N GLN A 321 8.96 2.55 -26.41
CA GLN A 321 8.70 3.54 -27.44
C GLN A 321 7.31 3.37 -28.02
N THR A 322 6.74 4.46 -28.50
CA THR A 322 5.39 4.48 -29.03
C THR A 322 5.40 4.33 -30.55
N ALA A 323 4.43 3.58 -31.06
CA ALA A 323 4.30 3.31 -32.49
C ALA A 323 3.35 4.27 -33.18
N ILE A 324 2.11 4.35 -32.70
CA ILE A 324 1.11 5.21 -33.33
C ILE A 324 1.42 6.66 -33.04
N THR A 325 1.55 7.47 -34.08
CA THR A 325 1.87 8.88 -33.95
C THR A 325 1.33 9.63 -35.14
N ASN A 326 1.14 10.93 -34.96
CA ASN A 326 0.72 11.78 -36.06
C ASN A 326 1.73 11.70 -37.20
N PRO A 327 1.29 11.89 -38.43
CA PRO A 327 2.20 11.76 -39.58
C PRO A 327 3.10 12.99 -39.71
N ALA A 328 3.90 12.99 -40.77
CA ALA A 328 4.75 14.15 -41.04
C ALA A 328 3.93 15.29 -41.63
N ASP A 329 3.32 15.05 -42.79
CA ASP A 329 2.44 16.05 -43.40
C ASP A 329 1.00 15.60 -43.24
N PRO A 330 0.23 16.19 -42.33
CA PRO A 330 -1.13 15.70 -42.09
C PRO A 330 -2.11 16.13 -43.17
N VAL A 331 -2.19 15.37 -44.26
CA VAL A 331 -3.21 15.61 -45.27
C VAL A 331 -4.57 15.64 -44.61
N ARG A 332 -5.32 16.71 -44.87
CA ARG A 332 -6.60 16.95 -44.22
C ARG A 332 -7.67 17.17 -45.28
N PRO A 333 -8.77 16.46 -45.23
CA PRO A 333 -9.90 16.78 -46.10
C PRO A 333 -10.87 17.73 -45.42
N ALA A 334 -11.73 18.33 -46.25
CA ALA A 334 -12.67 19.32 -45.74
C ALA A 334 -13.70 18.69 -44.80
N ALA A 335 -14.15 17.48 -45.09
CA ALA A 335 -15.14 16.81 -44.26
C ALA A 335 -14.98 15.31 -44.43
N ILE A 336 -14.96 14.59 -43.31
CA ILE A 336 -14.71 13.15 -43.33
C ILE A 336 -16.01 12.45 -43.68
N ALA A 337 -16.05 11.81 -44.85
CA ALA A 337 -17.26 11.12 -45.30
C ALA A 337 -17.51 9.85 -44.49
N GLY A 338 -16.54 8.93 -44.50
CA GLY A 338 -16.65 7.72 -43.72
C GLY A 338 -16.93 6.46 -44.51
N ASP A 339 -16.31 6.33 -45.69
CA ASP A 339 -16.50 5.15 -46.54
C ASP A 339 -15.37 4.15 -46.29
N ILE A 340 -15.37 3.58 -45.09
CA ILE A 340 -14.26 2.76 -44.64
C ILE A 340 -13.94 1.68 -45.67
N GLY A 341 -12.66 1.46 -45.90
CA GLY A 341 -12.20 0.69 -47.05
C GLY A 341 -11.16 -0.39 -46.80
N VAL A 342 -11.29 -1.19 -45.74
CA VAL A 342 -10.17 -2.02 -45.30
C VAL A 342 -9.66 -2.89 -46.45
N HIS A 343 -8.34 -2.95 -46.60
CA HIS A 343 -7.69 -3.71 -47.67
C HIS A 343 -6.49 -4.46 -47.09
N ASP A 344 -6.66 -5.75 -46.81
CA ASP A 344 -5.55 -6.67 -46.59
C ASP A 344 -4.76 -6.33 -45.33
N ALA A 345 -5.48 -6.18 -44.23
CA ALA A 345 -4.87 -5.87 -42.95
C ALA A 345 -4.52 -7.15 -42.19
N THR A 346 -3.40 -7.11 -41.45
CA THR A 346 -3.01 -8.26 -40.65
C THR A 346 -2.97 -7.95 -39.16
N PHE A 347 -2.18 -6.97 -38.73
CA PHE A 347 -1.97 -6.66 -37.32
C PHE A 347 -1.54 -7.89 -36.52
N CYS A 348 -0.34 -8.36 -36.80
CA CYS A 348 0.28 -9.33 -35.92
C CYS A 348 0.70 -8.67 -34.62
N TYR A 349 0.36 -9.30 -33.49
CA TYR A 349 0.70 -8.74 -32.19
C TYR A 349 2.21 -8.60 -32.04
N PRO A 350 2.67 -7.77 -31.09
CA PRO A 350 4.13 -7.57 -30.92
C PRO A 350 4.91 -8.85 -30.74
N GLY A 351 4.55 -9.65 -29.74
CA GLY A 351 5.20 -10.95 -29.61
C GLY A 351 4.23 -12.11 -29.65
N ALA A 352 4.26 -12.85 -30.77
CA ALA A 352 3.49 -14.06 -31.01
C ALA A 352 3.84 -14.52 -32.43
N ASP A 353 3.38 -15.71 -32.78
CA ASP A 353 3.32 -16.13 -34.17
C ASP A 353 1.91 -16.67 -34.44
N ARG A 354 0.98 -15.74 -34.62
CA ARG A 354 -0.39 -16.01 -35.02
C ARG A 354 -1.04 -14.70 -35.42
N PRO A 355 -0.80 -14.20 -36.63
CA PRO A 355 -1.45 -12.94 -37.05
C PRO A 355 -2.95 -13.01 -36.86
N VAL A 356 -3.48 -12.18 -35.97
CA VAL A 356 -4.88 -12.26 -35.59
C VAL A 356 -5.78 -12.04 -36.80
N LEU A 357 -5.65 -10.88 -37.43
CA LEU A 357 -6.29 -10.65 -38.71
C LEU A 357 -5.35 -11.06 -39.84
N GLN A 358 -5.93 -11.45 -40.96
CA GLN A 358 -5.16 -11.83 -42.14
C GLN A 358 -6.01 -11.61 -43.38
N ASP A 359 -5.49 -10.82 -44.31
CA ASP A 359 -6.13 -10.59 -45.62
C ASP A 359 -7.60 -10.21 -45.44
N VAL A 360 -7.81 -9.12 -44.72
CA VAL A 360 -9.14 -8.57 -44.48
C VAL A 360 -9.39 -7.46 -45.48
N SER A 361 -10.53 -7.51 -46.16
CA SER A 361 -10.83 -6.53 -47.19
C SER A 361 -12.33 -6.40 -47.34
N PHE A 362 -12.85 -5.20 -47.10
CA PHE A 362 -14.26 -4.90 -47.34
C PHE A 362 -14.47 -3.40 -47.25
N THR A 363 -15.55 -2.94 -47.88
CA THR A 363 -15.88 -1.53 -47.94
C THR A 363 -17.26 -1.30 -47.36
N VAL A 364 -17.36 -0.35 -46.44
CA VAL A 364 -18.63 0.09 -45.89
C VAL A 364 -19.10 1.29 -46.70
N PRO A 365 -20.29 1.26 -47.29
CA PRO A 365 -20.74 2.39 -48.10
C PRO A 365 -21.01 3.63 -47.26
N ARG A 366 -21.48 4.70 -47.90
CA ARG A 366 -21.51 6.00 -47.27
C ARG A 366 -22.57 6.13 -46.19
N GLY A 367 -23.59 5.29 -46.18
CA GLY A 367 -24.66 5.47 -45.22
C GLY A 367 -25.29 4.21 -44.69
N THR A 368 -24.63 3.07 -44.83
CA THR A 368 -25.21 1.80 -44.45
C THR A 368 -24.43 1.14 -43.33
N THR A 369 -25.14 0.45 -42.46
CA THR A 369 -24.53 -0.29 -41.36
C THR A 369 -23.78 -1.51 -41.90
N THR A 370 -23.00 -2.13 -41.02
CA THR A 370 -22.24 -3.32 -41.39
C THR A 370 -21.89 -4.06 -40.11
N ALA A 371 -22.45 -5.25 -39.94
CA ALA A 371 -22.20 -6.06 -38.76
C ALA A 371 -21.05 -7.02 -39.06
N VAL A 372 -20.00 -6.95 -38.25
CA VAL A 372 -18.84 -7.83 -38.41
C VAL A 372 -19.01 -8.95 -37.38
N VAL A 373 -19.59 -10.05 -37.81
CA VAL A 373 -19.91 -11.16 -36.90
C VAL A 373 -18.87 -12.26 -37.08
N GLY A 374 -18.54 -12.94 -35.99
CA GLY A 374 -17.54 -13.99 -36.07
C GLY A 374 -17.29 -14.59 -34.70
N SER A 375 -16.47 -15.63 -34.71
CA SER A 375 -16.13 -16.33 -33.47
C SER A 375 -15.38 -15.40 -32.52
N THR A 376 -15.74 -15.47 -31.24
CA THR A 376 -15.11 -14.64 -30.22
C THR A 376 -13.68 -15.13 -29.97
N GLY A 377 -12.72 -14.54 -30.66
CA GLY A 377 -11.36 -14.99 -30.61
C GLY A 377 -10.73 -14.97 -31.99
N SER A 378 -11.53 -14.63 -32.99
CA SER A 378 -11.08 -14.52 -34.36
C SER A 378 -10.57 -13.12 -34.71
N GLY A 379 -10.58 -12.20 -33.75
CA GLY A 379 -10.04 -10.87 -33.97
C GLY A 379 -10.95 -9.90 -34.71
N LYS A 380 -12.09 -9.56 -34.12
CA LYS A 380 -13.01 -8.57 -34.67
C LYS A 380 -12.99 -7.25 -33.89
N SER A 381 -12.96 -7.32 -32.57
CA SER A 381 -12.67 -6.12 -31.79
C SER A 381 -11.35 -5.51 -32.22
N THR A 382 -10.39 -6.34 -32.61
CA THR A 382 -9.19 -5.83 -33.27
C THR A 382 -9.55 -5.00 -34.49
N LEU A 383 -10.57 -5.42 -35.25
CA LEU A 383 -10.93 -4.67 -36.44
C LEU A 383 -11.50 -3.31 -36.10
N ILE A 384 -12.45 -3.27 -35.15
CA ILE A 384 -12.97 -1.97 -34.70
C ILE A 384 -11.84 -1.08 -34.22
N SER A 385 -11.06 -1.56 -33.24
CA SER A 385 -9.96 -0.77 -32.71
C SER A 385 -8.93 -0.41 -33.77
N LEU A 386 -8.93 -1.09 -34.91
CA LEU A 386 -8.06 -0.66 -35.99
C LEU A 386 -8.67 0.48 -36.77
N ILE A 387 -10.01 0.49 -36.91
CA ILE A 387 -10.64 1.56 -37.70
C ILE A 387 -10.34 2.92 -37.10
N CYS A 388 -10.53 3.06 -35.80
CA CYS A 388 -10.22 4.34 -35.14
C CYS A 388 -8.81 4.37 -34.55
N ARG A 389 -7.84 3.91 -35.33
CA ARG A 389 -6.41 4.02 -35.05
C ARG A 389 -6.01 3.89 -33.59
N LEU A 390 -6.61 2.96 -32.85
CA LEU A 390 -6.10 2.66 -31.52
C LEU A 390 -4.91 1.71 -31.61
N TYR A 391 -5.12 0.55 -32.23
CA TYR A 391 -4.00 -0.22 -32.74
C TYR A 391 -3.62 0.33 -34.12
N ASP A 392 -2.61 -0.25 -34.74
CA ASP A 392 -2.25 0.17 -36.08
C ASP A 392 -1.87 -1.04 -36.91
N VAL A 393 -2.34 -1.05 -38.15
CA VAL A 393 -2.14 -2.19 -39.03
C VAL A 393 -0.66 -2.45 -39.25
N THR A 394 -0.29 -3.73 -39.36
CA THR A 394 1.08 -4.07 -39.70
C THR A 394 1.32 -4.04 -41.20
N SER A 395 0.34 -4.46 -41.99
CA SER A 395 0.46 -4.42 -43.43
C SER A 395 -0.94 -4.34 -44.02
N GLY A 396 -1.14 -3.45 -44.99
CA GLY A 396 -2.42 -3.25 -45.63
C GLY A 396 -2.79 -1.78 -45.64
N SER A 397 -4.06 -1.51 -45.92
CA SER A 397 -4.54 -0.15 -46.01
C SER A 397 -5.89 -0.04 -45.31
N LEU A 398 -6.17 1.16 -44.82
CA LEU A 398 -7.30 1.41 -43.93
C LEU A 398 -8.04 2.66 -44.35
N ARG A 399 -8.36 2.77 -45.64
CA ARG A 399 -8.86 4.02 -46.20
C ARG A 399 -10.14 4.48 -45.52
N ILE A 400 -10.33 5.79 -45.50
CA ILE A 400 -11.47 6.48 -44.86
C ILE A 400 -12.19 7.30 -45.91
N ASP A 401 -12.40 6.71 -47.09
CA ASP A 401 -12.84 7.37 -48.32
C ASP A 401 -11.69 8.11 -48.99
N GLY A 402 -10.55 7.43 -49.12
CA GLY A 402 -9.51 7.88 -50.03
C GLY A 402 -8.16 7.98 -49.40
N VAL A 403 -8.13 8.42 -48.14
CA VAL A 403 -6.90 8.69 -47.42
C VAL A 403 -6.58 7.52 -46.51
N ASP A 404 -5.34 7.07 -46.53
CA ASP A 404 -4.90 6.07 -45.57
C ASP A 404 -4.99 6.67 -44.18
N VAL A 405 -5.42 5.84 -43.21
CA VAL A 405 -5.64 6.36 -41.88
C VAL A 405 -4.34 6.66 -41.17
N ARG A 406 -3.20 6.23 -41.73
CA ARG A 406 -1.89 6.57 -41.19
C ARG A 406 -1.37 7.89 -41.73
N ASP A 407 -2.19 8.64 -42.45
CA ASP A 407 -1.82 9.95 -42.96
C ASP A 407 -2.71 11.07 -42.44
N LEU A 408 -3.76 10.76 -41.72
CA LEU A 408 -4.70 11.77 -41.23
C LEU A 408 -4.23 12.35 -39.91
N ASP A 409 -4.48 13.64 -39.71
CA ASP A 409 -4.27 14.23 -38.40
C ASP A 409 -5.20 13.52 -37.43
N ILE A 410 -4.62 12.75 -36.51
CA ILE A 410 -5.41 11.79 -35.75
C ILE A 410 -6.51 12.48 -34.96
N GLU A 411 -6.32 13.74 -34.59
CA GLU A 411 -7.37 14.44 -33.85
C GLU A 411 -8.57 14.70 -34.75
N GLN A 412 -8.35 14.96 -36.04
CA GLN A 412 -9.45 15.10 -36.99
C GLN A 412 -10.27 13.83 -37.07
N LEU A 413 -9.60 12.71 -37.33
CA LEU A 413 -10.26 11.40 -37.35
C LEU A 413 -11.05 11.18 -36.07
N TRP A 414 -10.38 11.25 -34.92
CA TRP A 414 -11.06 11.02 -33.66
C TRP A 414 -12.20 12.00 -33.40
N SER A 415 -12.18 13.16 -34.06
CA SER A 415 -13.32 14.07 -33.95
C SER A 415 -14.45 13.67 -34.86
N ALA A 416 -14.19 12.89 -35.90
CA ALA A 416 -15.26 12.36 -36.76
C ALA A 416 -15.58 10.91 -36.47
N ILE A 417 -15.52 10.50 -35.19
CA ILE A 417 -15.73 9.10 -34.80
C ILE A 417 -16.51 9.08 -33.50
N GLY A 418 -17.65 8.40 -33.49
CA GLY A 418 -18.39 8.20 -32.26
C GLY A 418 -18.27 6.77 -31.78
N LEU A 419 -17.48 6.53 -30.74
CA LEU A 419 -17.13 5.19 -30.31
C LEU A 419 -17.92 4.80 -29.06
N VAL A 420 -18.41 3.57 -29.03
CA VAL A 420 -19.02 2.97 -27.86
C VAL A 420 -18.28 1.69 -27.54
N PRO A 421 -17.35 1.72 -26.60
CA PRO A 421 -16.50 0.55 -26.36
C PRO A 421 -17.27 -0.61 -25.76
N GLN A 422 -16.56 -1.70 -25.47
CA GLN A 422 -17.21 -2.88 -24.89
C GLN A 422 -17.77 -2.57 -23.51
N ARG A 423 -16.89 -2.20 -22.58
CA ARG A 423 -17.32 -1.83 -21.24
C ARG A 423 -17.62 -0.35 -21.18
N GLY A 424 -18.68 0.01 -20.48
CA GLY A 424 -19.03 1.41 -20.34
C GLY A 424 -18.25 2.06 -19.22
N TYR A 425 -17.84 3.30 -19.46
CA TYR A 425 -17.12 4.07 -18.47
C TYR A 425 -17.77 5.44 -18.34
N LEU A 426 -17.93 5.90 -17.09
CA LEU A 426 -18.46 7.21 -16.80
C LEU A 426 -17.57 7.87 -15.76
N PHE A 427 -17.21 9.12 -16.00
CA PHE A 427 -16.29 9.82 -15.12
C PHE A 427 -17.05 10.50 -14.00
N SER A 428 -16.35 10.71 -12.88
CA SER A 428 -16.98 11.24 -11.68
C SER A 428 -17.58 12.61 -11.94
N GLY A 429 -18.82 12.78 -11.53
CA GLY A 429 -19.50 14.05 -11.67
C GLY A 429 -20.99 13.82 -11.88
N THR A 430 -21.59 14.73 -12.63
CA THR A 430 -23.01 14.68 -12.95
C THR A 430 -23.20 14.14 -14.37
N VAL A 431 -24.32 13.46 -14.58
CA VAL A 431 -24.63 12.90 -15.90
C VAL A 431 -24.59 13.98 -16.96
N ALA A 432 -24.94 15.22 -16.61
CA ALA A 432 -24.79 16.33 -17.55
C ALA A 432 -23.35 16.46 -18.02
N GLU A 433 -22.38 16.26 -17.11
CA GLU A 433 -20.98 16.39 -17.50
C GLU A 433 -20.55 15.26 -18.41
N ASN A 434 -20.90 14.02 -18.07
CA ASN A 434 -20.57 12.90 -18.95
C ASN A 434 -21.14 13.11 -20.34
N LEU A 435 -22.41 13.47 -20.43
CA LEU A 435 -22.98 13.77 -21.74
C LEU A 435 -22.33 14.99 -22.38
N ARG A 436 -21.69 15.85 -21.58
CA ARG A 436 -21.02 17.02 -22.15
C ARG A 436 -19.72 16.66 -22.85
N TYR A 437 -19.20 15.44 -22.66
CA TYR A 437 -17.98 15.06 -23.37
C TYR A 437 -18.18 15.02 -24.87
N GLY A 438 -19.40 14.70 -25.32
CA GLY A 438 -19.67 14.63 -26.73
C GLY A 438 -19.61 15.96 -27.45
N ARG A 439 -20.54 16.86 -27.12
CA ARG A 439 -20.70 18.09 -27.87
C ARG A 439 -20.06 19.29 -27.20
N ALA A 440 -19.85 19.24 -25.88
CA ALA A 440 -19.16 20.26 -25.09
C ALA A 440 -20.00 21.52 -24.92
N ASP A 441 -21.14 21.61 -25.61
CA ASP A 441 -22.12 22.65 -25.36
C ASP A 441 -23.50 22.05 -25.67
N ALA A 442 -24.14 21.51 -24.64
CA ALA A 442 -25.32 20.68 -24.81
C ALA A 442 -26.49 21.32 -24.09
N THR A 443 -27.45 21.82 -24.85
CA THR A 443 -28.69 22.30 -24.26
C THR A 443 -29.48 21.11 -23.69
N ASP A 444 -30.37 21.41 -22.74
CA ASP A 444 -31.04 20.34 -22.01
C ASP A 444 -31.87 19.46 -22.94
N ASP A 445 -32.53 20.06 -23.94
CA ASP A 445 -33.29 19.25 -24.88
C ASP A 445 -32.40 18.29 -25.64
N GLU A 446 -31.17 18.69 -25.93
CA GLU A 446 -30.23 17.80 -26.63
C GLU A 446 -29.91 16.59 -25.77
N MET A 447 -29.59 16.81 -24.50
CA MET A 447 -29.30 15.69 -23.62
C MET A 447 -30.52 14.80 -23.44
N TRP A 448 -31.71 15.39 -23.45
CA TRP A 448 -32.91 14.59 -23.25
C TRP A 448 -33.21 13.73 -24.48
N GLU A 449 -33.07 14.30 -25.67
CA GLU A 449 -33.29 13.49 -26.87
C GLU A 449 -32.23 12.40 -27.00
N ALA A 450 -30.99 12.72 -26.66
CA ALA A 450 -29.93 11.71 -26.73
C ALA A 450 -30.11 10.64 -25.67
N LEU A 451 -30.79 10.95 -24.56
CA LEU A 451 -31.03 9.95 -23.53
C LEU A 451 -32.28 9.12 -23.82
N ARG A 452 -33.25 9.66 -24.56
CA ARG A 452 -34.39 8.84 -24.93
C ARG A 452 -34.09 7.97 -26.14
N VAL A 453 -33.30 8.45 -27.10
CA VAL A 453 -32.90 7.58 -28.19
C VAL A 453 -31.96 6.47 -27.72
N ALA A 454 -31.35 6.65 -26.55
CA ALA A 454 -30.51 5.63 -25.95
C ALA A 454 -31.27 4.74 -24.97
N ALA A 455 -32.59 4.92 -24.88
CA ALA A 455 -33.44 4.17 -23.94
C ALA A 455 -32.96 4.35 -22.50
N ALA A 456 -32.40 5.52 -22.18
CA ALA A 456 -31.88 5.79 -20.85
C ALA A 456 -32.50 7.01 -20.21
N ALA A 457 -33.38 7.73 -20.90
CA ALA A 457 -34.04 8.87 -20.30
C ALA A 457 -35.03 8.48 -19.21
N ASP A 458 -35.39 7.20 -19.12
CA ASP A 458 -36.36 6.79 -18.12
C ASP A 458 -35.82 6.93 -16.71
N PHE A 459 -34.65 6.35 -16.43
CA PHE A 459 -34.13 6.37 -15.07
C PHE A 459 -33.44 7.69 -14.73
N VAL A 460 -33.12 8.52 -15.73
CA VAL A 460 -32.61 9.85 -15.45
C VAL A 460 -33.73 10.89 -15.41
N ARG A 461 -34.94 10.53 -15.86
CA ARG A 461 -36.11 11.36 -15.66
C ARG A 461 -36.81 11.03 -14.36
N ALA A 462 -36.84 9.75 -13.98
CA ALA A 462 -37.49 9.31 -12.74
C ALA A 462 -36.44 9.23 -11.62
N HIS A 463 -35.92 10.40 -11.25
CA HIS A 463 -34.98 10.52 -10.17
C HIS A 463 -35.15 11.92 -9.60
N PRO A 464 -35.07 12.08 -8.27
CA PRO A 464 -35.30 13.41 -7.68
C PRO A 464 -34.36 14.47 -8.22
N GLN A 465 -33.09 14.13 -8.43
CA GLN A 465 -32.13 15.13 -8.90
C GLN A 465 -32.38 15.49 -10.36
N GLY A 466 -32.65 14.51 -11.20
CA GLY A 466 -32.88 14.76 -12.61
C GLY A 466 -31.61 14.59 -13.41
N LEU A 467 -31.31 15.56 -14.27
CA LEU A 467 -30.11 15.50 -15.11
C LEU A 467 -28.90 16.08 -14.38
N ASP A 468 -28.74 15.68 -13.12
CA ASP A 468 -27.50 15.94 -12.40
C ASP A 468 -27.17 14.78 -11.46
N MET A 469 -27.75 13.61 -11.69
CA MET A 469 -27.57 12.48 -10.80
C MET A 469 -26.08 12.25 -10.53
N PRO A 470 -25.68 12.10 -9.28
CA PRO A 470 -24.24 11.95 -8.99
C PRO A 470 -23.72 10.63 -9.53
N VAL A 471 -22.66 10.72 -10.33
CA VAL A 471 -22.01 9.53 -10.90
C VAL A 471 -20.81 9.19 -10.04
N ALA A 472 -20.58 7.90 -9.85
CA ALA A 472 -19.49 7.42 -9.02
C ALA A 472 -18.17 7.50 -9.75
N GLN A 473 -17.14 6.84 -9.22
CA GLN A 473 -15.80 6.90 -9.80
C GLN A 473 -15.80 6.48 -11.25
N GLY A 474 -16.14 5.22 -11.52
CA GLY A 474 -16.19 4.74 -12.89
C GLY A 474 -17.61 4.44 -13.32
N GLY A 475 -18.55 5.28 -12.88
CA GLY A 475 -19.95 4.98 -13.08
C GLY A 475 -20.37 3.69 -12.40
N ILE A 476 -19.76 3.34 -11.28
CA ILE A 476 -20.04 2.08 -10.62
C ILE A 476 -21.34 2.13 -9.82
N ASN A 477 -21.84 3.33 -9.51
CA ASN A 477 -23.13 3.42 -8.82
C ASN A 477 -24.27 2.95 -9.73
N PHE A 478 -24.12 3.09 -11.05
CA PHE A 478 -25.06 2.50 -11.99
C PHE A 478 -24.72 1.01 -12.14
N SER A 479 -25.38 0.34 -13.08
CA SER A 479 -25.10 -1.07 -13.29
C SER A 479 -25.55 -1.49 -14.68
N GLY A 480 -24.63 -2.11 -15.43
CA GLY A 480 -24.96 -2.73 -16.69
C GLY A 480 -25.66 -1.85 -17.70
N GLY A 481 -26.95 -2.14 -17.91
CA GLY A 481 -27.71 -1.41 -18.91
C GLY A 481 -27.69 0.08 -18.72
N GLN A 482 -27.73 0.54 -17.46
CA GLN A 482 -27.64 1.97 -17.19
C GLN A 482 -26.34 2.54 -17.76
N ARG A 483 -25.22 1.89 -17.45
CA ARG A 483 -23.92 2.40 -17.89
C ARG A 483 -23.78 2.35 -19.40
N GLN A 484 -24.18 1.25 -20.02
CA GLN A 484 -24.03 1.13 -21.46
C GLN A 484 -24.96 2.09 -22.20
N ARG A 485 -26.15 2.34 -21.68
CA ARG A 485 -27.04 3.27 -22.35
C ARG A 485 -26.60 4.71 -22.12
N LEU A 486 -25.93 4.99 -21.00
CA LEU A 486 -25.34 6.31 -20.84
C LEU A 486 -24.17 6.51 -21.81
N ALA A 487 -23.37 5.46 -22.05
CA ALA A 487 -22.31 5.56 -23.03
C ALA A 487 -22.86 5.76 -24.43
N ILE A 488 -23.94 5.03 -24.76
CA ILE A 488 -24.58 5.22 -26.06
C ILE A 488 -25.11 6.64 -26.19
N ALA A 489 -25.67 7.19 -25.11
CA ALA A 489 -26.13 8.57 -25.15
C ALA A 489 -24.98 9.53 -25.39
N ARG A 490 -23.86 9.32 -24.70
CA ARG A 490 -22.69 10.17 -24.91
C ARG A 490 -22.25 10.15 -26.36
N ALA A 491 -22.25 8.97 -26.98
CA ALA A 491 -21.83 8.87 -28.37
C ALA A 491 -22.84 9.52 -29.31
N VAL A 492 -24.14 9.34 -29.04
CA VAL A 492 -25.17 9.86 -29.94
C VAL A 492 -25.22 11.38 -29.85
N ILE A 493 -24.77 11.96 -28.74
CA ILE A 493 -24.73 13.42 -28.62
C ILE A 493 -23.99 14.05 -29.80
N ARG A 494 -22.83 13.49 -30.16
CA ARG A 494 -21.93 14.18 -31.09
C ARG A 494 -22.53 14.33 -32.48
N ARG A 495 -23.41 13.42 -32.87
CA ARG A 495 -23.82 13.25 -34.26
C ARG A 495 -22.61 13.11 -35.18
N PRO A 496 -21.79 12.07 -34.97
CA PRO A 496 -20.59 11.92 -35.81
C PRO A 496 -20.93 11.36 -37.18
N ALA A 497 -19.91 11.05 -37.97
CA ALA A 497 -20.12 10.43 -39.27
C ALA A 497 -19.97 8.92 -39.23
N ILE A 498 -19.31 8.36 -38.22
CA ILE A 498 -19.06 6.93 -38.13
C ILE A 498 -19.33 6.50 -36.69
N TYR A 499 -20.37 5.69 -36.50
CA TYR A 499 -20.71 5.13 -35.19
C TYR A 499 -20.05 3.75 -35.06
N LEU A 500 -19.04 3.65 -34.23
CA LEU A 500 -18.37 2.37 -33.99
C LEU A 500 -18.85 1.78 -32.67
N PHE A 501 -19.72 0.77 -32.80
CA PHE A 501 -20.24 0.09 -31.61
C PHE A 501 -19.42 -1.16 -31.34
N ASP A 502 -18.39 -1.05 -30.50
CA ASP A 502 -17.42 -2.13 -30.34
C ASP A 502 -18.11 -3.46 -30.02
N ASP A 503 -18.76 -3.56 -28.87
CA ASP A 503 -19.82 -4.55 -28.71
C ASP A 503 -21.13 -3.85 -28.40
N ALA A 504 -21.15 -3.10 -27.30
CA ALA A 504 -22.08 -2.01 -27.07
C ALA A 504 -23.54 -2.45 -26.98
N PHE A 505 -23.83 -3.71 -27.28
CA PHE A 505 -25.19 -4.18 -27.40
C PHE A 505 -25.39 -5.50 -26.70
N SER A 506 -24.30 -6.24 -26.48
CA SER A 506 -24.39 -7.53 -25.80
C SER A 506 -24.94 -7.36 -24.39
N ALA A 507 -24.34 -6.47 -23.60
CA ALA A 507 -24.80 -6.21 -22.25
C ALA A 507 -26.01 -5.27 -22.26
N LEU A 508 -27.08 -5.75 -22.90
CA LEU A 508 -28.31 -4.99 -23.01
C LEU A 508 -29.48 -5.95 -23.13
N ASP A 509 -30.64 -5.51 -22.64
CA ASP A 509 -31.85 -6.30 -22.77
C ASP A 509 -32.29 -6.33 -24.24
N VAL A 510 -32.60 -7.54 -24.72
CA VAL A 510 -32.81 -7.74 -26.16
C VAL A 510 -33.97 -6.89 -26.66
N HIS A 511 -35.01 -6.71 -25.83
CA HIS A 511 -36.12 -5.85 -26.24
C HIS A 511 -35.68 -4.39 -26.32
N THR A 512 -35.05 -3.89 -25.25
CA THR A 512 -34.49 -2.55 -25.31
C THR A 512 -33.36 -2.47 -26.34
N ASP A 513 -32.68 -3.58 -26.60
CA ASP A 513 -31.68 -3.61 -27.66
C ASP A 513 -32.32 -3.29 -29.01
N ALA A 514 -33.42 -3.99 -29.34
CA ALA A 514 -34.13 -3.69 -30.56
C ALA A 514 -34.66 -2.26 -30.56
N ARG A 515 -35.14 -1.80 -29.39
CA ARG A 515 -35.64 -0.43 -29.29
C ARG A 515 -34.57 0.59 -29.66
N VAL A 516 -33.39 0.47 -29.06
CA VAL A 516 -32.34 1.45 -29.31
C VAL A 516 -31.79 1.30 -30.72
N ARG A 517 -31.70 0.08 -31.24
CA ARG A 517 -31.26 -0.11 -32.62
C ARG A 517 -32.19 0.59 -33.59
N ASP A 518 -33.51 0.41 -33.40
CA ASP A 518 -34.47 1.06 -34.29
C ASP A 518 -34.45 2.57 -34.10
N ALA A 519 -34.30 3.04 -32.87
CA ALA A 519 -34.16 4.48 -32.63
C ALA A 519 -33.00 5.05 -33.42
N LEU A 520 -31.85 4.36 -33.37
CA LEU A 520 -30.68 4.79 -34.12
C LEU A 520 -30.97 4.80 -35.61
N ARG A 521 -31.46 3.67 -36.15
CA ARG A 521 -31.80 3.61 -37.57
C ARG A 521 -32.82 4.67 -37.97
N GLU A 522 -33.57 5.22 -37.02
CA GLU A 522 -34.40 6.38 -37.32
C GLU A 522 -33.58 7.66 -37.32
N VAL A 523 -32.65 7.81 -36.39
CA VAL A 523 -31.92 9.08 -36.29
C VAL A 523 -30.55 9.02 -36.98
N ALA A 524 -29.97 7.82 -37.11
CA ALA A 524 -28.66 7.66 -37.74
C ALA A 524 -28.77 7.20 -39.18
N ALA A 525 -29.80 7.67 -39.89
CA ALA A 525 -29.99 7.22 -41.27
C ALA A 525 -28.88 7.69 -42.19
N ASP A 526 -28.48 8.95 -42.07
CA ASP A 526 -27.43 9.52 -42.92
C ASP A 526 -26.10 9.50 -42.16
N ALA A 527 -25.54 8.31 -42.05
CA ALA A 527 -24.25 8.09 -41.41
C ALA A 527 -23.88 6.62 -41.60
N THR A 528 -22.64 6.30 -41.29
CA THR A 528 -22.18 4.92 -41.32
C THR A 528 -22.17 4.36 -39.90
N VAL A 529 -22.61 3.13 -39.76
CA VAL A 529 -22.57 2.40 -38.50
C VAL A 529 -21.76 1.14 -38.71
N VAL A 530 -20.99 0.74 -37.71
CA VAL A 530 -20.21 -0.49 -37.74
C VAL A 530 -20.37 -1.16 -36.38
N ILE A 531 -21.05 -2.30 -36.38
CA ILE A 531 -21.38 -3.04 -35.16
C ILE A 531 -20.63 -4.36 -35.19
N VAL A 532 -19.72 -4.56 -34.24
CA VAL A 532 -19.08 -5.84 -34.03
C VAL A 532 -19.83 -6.56 -32.92
N SER A 533 -20.41 -7.70 -33.24
CA SER A 533 -21.27 -8.39 -32.29
C SER A 533 -21.14 -9.90 -32.50
N GLN A 534 -21.40 -10.63 -31.42
CA GLN A 534 -21.47 -12.08 -31.48
C GLN A 534 -22.89 -12.60 -31.59
N ARG A 535 -23.84 -11.94 -30.94
CA ARG A 535 -25.24 -12.30 -31.08
C ARG A 535 -25.73 -11.98 -32.48
N ILE A 536 -26.51 -12.90 -33.06
CA ILE A 536 -27.03 -12.72 -34.41
C ILE A 536 -28.30 -11.88 -34.45
N SER A 537 -29.01 -11.75 -33.33
CA SER A 537 -30.30 -11.05 -33.33
C SER A 537 -30.15 -9.60 -33.75
N THR A 538 -29.04 -8.96 -33.36
CA THR A 538 -28.79 -7.57 -33.72
C THR A 538 -28.18 -7.42 -35.10
N VAL A 539 -28.18 -8.47 -35.91
CA VAL A 539 -27.40 -8.50 -37.14
C VAL A 539 -28.32 -8.60 -38.36
N ILE A 540 -29.54 -9.13 -38.17
CA ILE A 540 -30.47 -9.24 -39.29
C ILE A 540 -30.71 -7.88 -39.92
N GLU A 541 -30.73 -6.82 -39.11
CA GLU A 541 -31.03 -5.49 -39.61
C GLU A 541 -29.91 -4.89 -40.44
N ALA A 542 -28.73 -5.49 -40.43
CA ALA A 542 -27.59 -4.94 -41.14
C ALA A 542 -27.82 -5.00 -42.65
N ASP A 543 -26.88 -4.40 -43.39
CA ASP A 543 -26.95 -4.37 -44.84
C ASP A 543 -25.80 -5.09 -45.51
N GLN A 544 -24.64 -5.18 -44.87
CA GLN A 544 -23.45 -5.75 -45.48
C GLN A 544 -22.72 -6.60 -44.46
N VAL A 545 -23.47 -7.45 -43.74
CA VAL A 545 -22.87 -8.25 -42.67
C VAL A 545 -21.76 -9.11 -43.23
N VAL A 546 -20.61 -9.08 -42.55
CA VAL A 546 -19.42 -9.79 -42.97
C VAL A 546 -19.02 -10.77 -41.87
N VAL A 547 -18.61 -11.97 -42.27
CA VAL A 547 -18.18 -13.01 -41.37
C VAL A 547 -16.67 -12.93 -41.18
N ILE A 548 -16.21 -13.27 -39.98
CA ILE A 548 -14.79 -13.27 -39.67
C ILE A 548 -14.49 -14.51 -38.84
N ASP A 549 -13.69 -15.42 -39.39
CA ASP A 549 -13.31 -16.64 -38.69
C ASP A 549 -11.81 -16.87 -38.86
N ASP A 550 -11.15 -17.21 -37.74
CA ASP A 550 -9.70 -17.39 -37.61
C ASP A 550 -8.91 -16.33 -38.37
N GLY A 551 -9.43 -15.10 -38.41
CA GLY A 551 -8.73 -14.01 -39.05
C GLY A 551 -8.90 -13.93 -40.54
N ARG A 552 -10.02 -14.39 -41.07
CA ARG A 552 -10.30 -14.37 -42.50
C ARG A 552 -11.77 -14.00 -42.69
N VAL A 553 -12.05 -13.24 -43.75
CA VAL A 553 -13.43 -12.84 -44.06
C VAL A 553 -14.00 -13.95 -44.94
N VAL A 554 -14.48 -15.01 -44.26
CA VAL A 554 -15.07 -16.16 -44.95
C VAL A 554 -16.59 -15.95 -44.94
N GLY A 555 -17.08 -15.25 -45.95
CA GLY A 555 -18.51 -14.97 -46.05
C GLY A 555 -18.85 -13.51 -45.97
N ILE A 556 -19.26 -12.94 -47.10
CA ILE A 556 -19.67 -11.54 -47.20
C ILE A 556 -21.00 -11.49 -47.94
N GLY A 557 -21.90 -10.64 -47.47
CA GLY A 557 -23.19 -10.48 -48.12
C GLY A 557 -24.32 -10.29 -47.14
N THR A 558 -25.48 -9.90 -47.64
CA THR A 558 -26.65 -9.69 -46.80
C THR A 558 -26.96 -10.96 -46.02
N HIS A 559 -27.59 -10.79 -44.85
CA HIS A 559 -27.93 -11.92 -43.99
C HIS A 559 -28.62 -13.05 -44.76
N ASP A 560 -29.43 -12.70 -45.76
CA ASP A 560 -30.18 -13.72 -46.49
C ASP A 560 -29.26 -14.55 -47.38
N THR A 561 -28.45 -13.89 -48.22
CA THR A 561 -27.50 -14.63 -49.06
C THR A 561 -26.52 -15.43 -48.20
N LEU A 562 -26.10 -14.85 -47.07
CA LEU A 562 -25.16 -15.52 -46.19
C LEU A 562 -25.77 -16.77 -45.58
N LEU A 563 -27.00 -16.67 -45.08
CA LEU A 563 -27.67 -17.85 -44.57
C LEU A 563 -27.92 -18.86 -45.68
N ALA A 564 -28.07 -18.39 -46.91
CA ALA A 564 -28.25 -19.30 -48.05
C ALA A 564 -27.00 -20.14 -48.27
N ASP A 565 -25.84 -19.49 -48.44
CA ASP A 565 -24.61 -20.20 -48.80
C ASP A 565 -23.46 -19.81 -47.86
N CYS A 566 -23.39 -20.47 -46.70
CA CYS A 566 -22.24 -20.41 -45.79
C CYS A 566 -22.48 -21.32 -44.60
N PRO A 567 -21.41 -21.86 -43.98
CA PRO A 567 -21.60 -22.60 -42.73
C PRO A 567 -22.07 -21.75 -41.57
N ILE A 568 -21.80 -20.43 -41.62
CA ILE A 568 -22.19 -19.54 -40.52
C ILE A 568 -23.65 -19.73 -40.15
N TYR A 569 -24.53 -19.88 -41.15
CA TYR A 569 -25.94 -20.04 -40.86
C TYR A 569 -26.15 -21.21 -39.91
N ALA A 570 -25.81 -22.41 -40.36
CA ALA A 570 -25.93 -23.60 -39.52
C ALA A 570 -25.34 -23.34 -38.14
N GLU A 571 -24.02 -23.11 -38.08
CA GLU A 571 -23.36 -23.07 -36.78
C GLU A 571 -23.97 -21.99 -35.88
N PHE A 572 -23.84 -20.73 -36.26
CA PHE A 572 -24.23 -19.64 -35.38
C PHE A 572 -25.74 -19.61 -35.16
N ALA A 573 -26.53 -19.65 -36.24
CA ALA A 573 -27.98 -19.54 -36.08
C ALA A 573 -28.53 -20.67 -35.23
N GLU A 574 -28.12 -21.92 -35.49
CA GLU A 574 -28.65 -23.02 -34.71
C GLU A 574 -28.06 -23.11 -33.32
N SER A 575 -26.91 -22.47 -33.08
CA SER A 575 -26.40 -22.42 -31.71
C SER A 575 -27.11 -21.36 -30.89
N GLN A 576 -27.43 -20.22 -31.51
CA GLN A 576 -28.13 -19.16 -30.79
C GLN A 576 -29.61 -19.53 -30.60
N ALA A 577 -30.32 -19.75 -31.69
CA ALA A 577 -31.74 -20.10 -31.61
C ALA A 577 -31.90 -21.56 -31.20
N ALA B 9 -3.70 8.19 6.87
CA ALA B 9 -4.28 9.33 7.56
C ALA B 9 -3.20 10.14 8.27
N PRO B 10 -3.39 11.46 8.35
CA PRO B 10 -2.42 12.30 9.06
C PRO B 10 -2.47 12.05 10.56
N LEU B 11 -3.69 11.98 11.08
CA LEU B 11 -3.95 11.60 12.46
C LEU B 11 -5.25 10.80 12.48
N GLU B 12 -5.73 10.45 13.67
CA GLU B 12 -6.98 9.72 13.77
C GLU B 12 -7.60 9.96 15.14
N ARG B 13 -8.91 10.24 15.14
CA ARG B 13 -9.63 10.37 16.39
C ARG B 13 -9.64 9.02 17.11
N THR B 14 -9.01 8.99 18.29
CA THR B 14 -8.82 7.74 19.01
C THR B 14 -10.08 7.29 19.75
N ARG B 15 -10.88 8.24 20.23
CA ARG B 15 -12.20 8.05 20.84
C ARG B 15 -12.12 7.31 22.17
N ASP B 16 -10.94 6.78 22.50
CA ASP B 16 -10.63 6.28 23.85
C ASP B 16 -9.15 5.95 23.92
N PHE B 17 -8.45 6.45 24.93
CA PHE B 17 -7.03 6.22 25.06
C PHE B 17 -6.63 5.44 26.30
N LYS B 18 -7.44 5.47 27.35
CA LYS B 18 -7.16 4.67 28.53
C LYS B 18 -7.57 3.22 28.34
N GLY B 19 -8.84 3.00 27.97
CA GLY B 19 -9.33 1.64 27.79
C GLY B 19 -8.57 0.89 26.71
N SER B 20 -8.32 1.55 25.57
CA SER B 20 -7.63 0.88 24.48
C SER B 20 -6.20 0.50 24.87
N ALA B 21 -5.48 1.43 25.51
CA ALA B 21 -4.10 1.14 25.89
C ALA B 21 -4.03 0.06 26.95
N ILE B 22 -4.94 0.07 27.92
CA ILE B 22 -4.92 -0.96 28.95
C ILE B 22 -5.30 -2.31 28.36
N ARG B 23 -6.23 -2.32 27.40
CA ARG B 23 -6.60 -3.58 26.75
C ARG B 23 -5.44 -4.14 25.95
N LEU B 24 -4.69 -3.29 25.26
CA LEU B 24 -3.52 -3.75 24.53
C LEU B 24 -2.44 -4.27 25.49
N ALA B 25 -2.27 -3.59 26.63
CA ALA B 25 -1.30 -4.06 27.61
C ALA B 25 -1.68 -5.44 28.14
N ARG B 26 -2.95 -5.64 28.47
CA ARG B 26 -3.36 -6.95 28.93
C ARG B 26 -3.34 -8.00 27.82
N ARG B 27 -3.39 -7.57 26.55
CA ARG B 27 -3.09 -8.49 25.46
C ARG B 27 -1.64 -8.94 25.54
N LEU B 28 -0.73 -8.00 25.79
CA LEU B 28 0.69 -8.33 25.94
C LEU B 28 0.98 -9.14 27.20
N LEU B 29 0.05 -9.12 28.16
CA LEU B 29 0.26 -9.77 29.46
C LEU B 29 0.80 -11.19 29.42
N PRO B 30 0.14 -12.19 28.76
CA PRO B 30 0.50 -13.60 28.98
C PRO B 30 1.98 -13.93 28.94
N GLN B 31 2.77 -13.14 28.22
CA GLN B 31 4.22 -13.27 28.24
C GLN B 31 4.82 -12.49 29.40
N ARG B 32 4.33 -12.75 30.62
CA ARG B 32 4.74 -11.92 31.73
C ARG B 32 6.14 -12.26 32.20
N ALA B 33 6.55 -13.53 32.11
CA ALA B 33 7.93 -13.88 32.43
C ALA B 33 8.90 -13.18 31.49
N LEU B 34 8.59 -13.20 30.19
CA LEU B 34 9.46 -12.53 29.22
C LEU B 34 9.47 -11.02 29.42
N THR B 35 8.32 -10.43 29.76
CA THR B 35 8.32 -8.98 29.94
C THR B 35 9.08 -8.59 31.22
N LEU B 36 8.95 -9.39 32.28
CA LEU B 36 9.73 -9.14 33.48
C LEU B 36 11.23 -9.24 33.19
N ALA B 37 11.63 -10.26 32.44
CA ALA B 37 13.04 -10.40 32.09
C ALA B 37 13.51 -9.22 31.25
N VAL B 38 12.69 -8.78 30.30
CA VAL B 38 13.07 -7.65 29.46
C VAL B 38 13.25 -6.40 30.29
N ILE B 39 12.33 -6.13 31.20
CA ILE B 39 12.42 -4.93 32.02
C ILE B 39 13.65 -4.97 32.92
N LEU B 40 13.90 -6.12 33.56
CA LEU B 40 15.06 -6.20 34.46
C LEU B 40 16.36 -6.08 33.69
N LEU B 41 16.45 -6.68 32.51
CA LEU B 41 17.66 -6.56 31.71
C LEU B 41 17.87 -5.13 31.26
N GLY B 42 16.79 -4.43 30.93
CA GLY B 42 16.92 -3.02 30.58
C GLY B 42 17.42 -2.18 31.73
N VAL B 43 16.86 -2.40 32.93
CA VAL B 43 17.31 -1.67 34.11
C VAL B 43 18.79 -1.93 34.37
N GLY B 44 19.22 -3.18 34.24
CA GLY B 44 20.63 -3.48 34.44
C GLY B 44 21.53 -2.82 33.41
N GLY B 45 21.17 -2.93 32.14
CA GLY B 45 21.97 -2.34 31.09
C GLY B 45 21.98 -0.84 31.07
N ILE B 46 21.04 -0.21 31.77
CA ILE B 46 21.05 1.24 31.90
C ILE B 46 21.86 1.68 33.11
N ALA B 47 21.72 0.97 34.24
CA ALA B 47 22.55 1.26 35.40
C ALA B 47 24.03 1.13 35.06
N ILE B 48 24.42 0.02 34.45
CA ILE B 48 25.83 -0.18 34.10
C ILE B 48 26.28 0.75 32.98
N GLY B 49 25.34 1.43 32.34
CA GLY B 49 25.70 2.38 31.29
C GLY B 49 25.84 3.78 31.81
N VAL B 50 25.22 4.07 32.96
CA VAL B 50 25.41 5.38 33.59
C VAL B 50 26.47 5.37 34.68
N ILE B 51 26.92 4.20 35.14
CA ILE B 51 28.02 4.15 36.09
C ILE B 51 29.36 3.92 35.39
N GLY B 52 29.42 4.13 34.08
CA GLY B 52 30.67 4.05 33.35
C GLY B 52 31.44 5.36 33.33
N PRO B 53 30.82 6.42 32.81
CA PRO B 53 31.48 7.72 32.80
C PRO B 53 31.86 8.23 34.17
N ARG B 54 31.23 7.77 35.24
CA ARG B 54 31.69 8.13 36.57
C ARG B 54 33.07 7.55 36.85
N ILE B 55 33.31 6.31 36.43
CA ILE B 55 34.61 5.69 36.67
C ILE B 55 35.66 6.27 35.74
N LEU B 56 35.28 6.58 34.50
CA LEU B 56 36.21 7.30 33.63
C LEU B 56 36.54 8.67 34.18
N GLY B 57 35.58 9.33 34.83
CA GLY B 57 35.87 10.60 35.48
C GLY B 57 36.81 10.44 36.65
N HIS B 58 36.68 9.34 37.40
CA HIS B 58 37.65 9.09 38.46
C HIS B 58 39.05 8.91 37.90
N ALA B 59 39.17 8.21 36.77
CA ALA B 59 40.49 8.05 36.15
C ALA B 59 41.05 9.40 35.69
N THR B 60 40.20 10.25 35.11
CA THR B 60 40.66 11.58 34.70
C THR B 60 41.09 12.42 35.90
N ASP B 61 40.39 12.29 37.02
CA ASP B 61 40.83 12.96 38.23
C ASP B 61 42.18 12.44 38.68
N LEU B 62 42.39 11.13 38.59
CA LEU B 62 43.68 10.57 38.97
C LEU B 62 44.80 11.11 38.09
N LEU B 63 44.50 11.37 36.81
CA LEU B 63 45.50 11.95 35.93
C LEU B 63 45.74 13.42 36.25
N PHE B 64 44.68 14.16 36.56
CA PHE B 64 44.81 15.60 36.77
C PHE B 64 45.50 15.90 38.10
N ASN B 65 45.08 15.24 39.17
CA ASN B 65 45.71 15.41 40.48
C ASN B 65 47.20 15.07 40.45
N GLY B 66 47.68 14.49 39.37
CA GLY B 66 49.09 14.14 39.29
C GLY B 66 49.85 14.96 38.27
N VAL B 67 49.16 15.37 37.20
CA VAL B 67 49.83 16.23 36.23
C VAL B 67 49.94 17.65 36.75
N ILE B 68 49.00 18.09 37.59
CA ILE B 68 49.13 19.33 38.34
C ILE B 68 49.29 18.93 39.79
N GLY B 69 50.51 19.01 40.30
CA GLY B 69 50.74 18.53 41.65
C GLY B 69 52.07 17.83 41.76
N ARG B 70 52.69 17.53 40.63
CA ARG B 70 54.08 17.08 40.61
C ARG B 70 55.06 18.24 40.47
N GLU B 71 54.57 19.41 40.08
CA GLU B 71 55.41 20.59 39.90
C GLU B 71 55.54 21.41 41.17
N LEU B 72 54.65 21.22 42.13
CA LEU B 72 54.81 21.88 43.42
C LEU B 72 56.08 21.36 44.09
N PRO B 73 56.76 22.20 44.87
CA PRO B 73 57.97 21.74 45.54
C PRO B 73 57.66 20.62 46.53
N ALA B 74 58.44 19.54 46.42
CA ALA B 74 58.17 18.36 47.23
C ALA B 74 58.42 18.65 48.71
N GLY B 75 57.76 17.87 49.57
CA GLY B 75 57.88 18.04 51.00
C GLY B 75 56.69 18.73 51.61
N LEU B 76 56.13 19.69 50.89
CA LEU B 76 54.98 20.44 51.39
C LEU B 76 53.73 19.58 51.32
N THR B 77 52.88 19.71 52.34
CA THR B 77 51.56 19.11 52.35
C THR B 77 50.58 20.02 51.63
N LYS B 78 49.37 19.51 51.38
CA LYS B 78 48.41 20.33 50.65
C LYS B 78 47.71 21.31 51.60
N GLU B 79 48.49 21.98 52.41
CA GLU B 79 48.10 23.23 53.06
C GLU B 79 49.17 24.30 52.88
N GLN B 80 50.44 23.92 52.99
CA GLN B 80 51.51 24.86 52.73
C GLN B 80 51.66 25.17 51.25
N ALA B 81 51.37 24.20 50.39
CA ALA B 81 51.35 24.48 48.96
C ALA B 81 50.25 25.48 48.62
N VAL B 82 49.06 25.30 49.19
CA VAL B 82 47.97 26.22 48.96
C VAL B 82 48.29 27.60 49.51
N GLU B 83 48.89 27.67 50.70
CA GLU B 83 49.24 28.97 51.27
C GLU B 83 50.32 29.66 50.44
N ALA B 84 51.28 28.90 49.90
CA ALA B 84 52.28 29.50 49.04
C ALA B 84 51.67 29.96 47.73
N ALA B 85 50.65 29.28 47.23
CA ALA B 85 49.93 29.77 46.06
C ALA B 85 49.21 31.06 46.38
N ARG B 86 48.65 31.17 47.59
CA ARG B 86 47.98 32.40 48.00
C ARG B 86 48.97 33.56 48.06
N ALA B 87 50.04 33.41 48.85
CA ALA B 87 50.92 34.53 49.13
C ALA B 87 51.53 35.12 47.86
N ARG B 88 51.74 34.30 46.84
CA ARG B 88 52.30 34.79 45.59
C ARG B 88 51.24 35.34 44.63
N GLY B 89 50.06 35.67 45.15
CA GLY B 89 49.03 36.32 44.35
C GLY B 89 48.36 35.41 43.35
N ASP B 90 47.94 34.23 43.78
CA ASP B 90 47.25 33.28 42.92
C ASP B 90 46.05 32.70 43.67
N GLY B 91 45.25 33.59 44.26
CA GLY B 91 44.11 33.14 45.08
C GLY B 91 43.22 32.15 44.37
N THR B 92 42.95 32.36 43.09
CA THR B 92 42.08 31.44 42.36
C THR B 92 42.79 30.12 42.05
N PHE B 93 44.09 30.16 41.76
CA PHE B 93 44.84 28.92 41.66
C PHE B 93 44.90 28.22 43.00
N ALA B 94 44.92 28.98 44.09
CA ALA B 94 44.87 28.39 45.42
C ALA B 94 43.54 27.68 45.65
N ASP B 95 42.44 28.29 45.19
CA ASP B 95 41.15 27.61 45.24
C ASP B 95 41.21 26.29 44.47
N LEU B 96 41.71 26.34 43.24
CA LEU B 96 41.80 25.14 42.42
C LEU B 96 42.58 24.05 43.15
N LEU B 97 43.75 24.40 43.71
CA LEU B 97 44.53 23.41 44.43
C LEU B 97 43.76 22.85 45.62
N SER B 98 43.18 23.74 46.44
CA SER B 98 42.44 23.29 47.61
C SER B 98 41.23 22.45 47.26
N GLY B 99 40.83 22.43 46.00
CA GLY B 99 39.77 21.53 45.59
C GLY B 99 40.23 20.17 45.13
N MET B 100 41.53 19.95 45.01
CA MET B 100 42.09 18.70 44.50
C MET B 100 42.43 17.76 45.65
N ASP B 101 43.14 16.68 45.32
CA ASP B 101 43.67 15.74 46.32
C ASP B 101 45.18 15.70 46.16
N ILE B 102 45.80 16.87 46.06
CA ILE B 102 47.22 16.98 45.74
C ILE B 102 48.08 16.33 46.81
N VAL B 103 49.15 15.69 46.36
CA VAL B 103 50.29 15.35 47.23
C VAL B 103 51.56 15.81 46.50
N PRO B 104 52.14 16.94 46.88
CA PRO B 104 53.31 17.45 46.15
C PRO B 104 54.48 16.47 46.22
N GLY B 105 54.99 16.09 45.05
CA GLY B 105 56.02 15.07 44.96
C GLY B 105 55.45 13.71 44.63
N GLN B 106 54.58 13.67 43.63
CA GLN B 106 53.84 12.50 43.20
C GLN B 106 53.62 12.64 41.71
N GLY B 107 52.59 11.99 41.18
CA GLY B 107 52.13 12.47 39.88
C GLY B 107 51.49 11.59 38.83
N VAL B 108 51.62 10.27 38.84
CA VAL B 108 50.73 9.55 37.94
C VAL B 108 50.02 8.37 38.58
N ASP B 109 50.69 7.68 39.50
CA ASP B 109 50.15 6.50 40.17
C ASP B 109 49.41 5.60 39.18
N PHE B 110 50.17 5.09 38.20
CA PHE B 110 49.52 4.43 37.06
C PHE B 110 48.90 3.09 37.40
N GLY B 111 49.27 2.48 38.52
CA GLY B 111 48.57 1.28 38.95
C GLY B 111 47.10 1.54 39.22
N ALA B 112 46.80 2.67 39.86
CA ALA B 112 45.42 2.98 40.20
C ALA B 112 44.61 3.30 38.95
N VAL B 113 45.21 3.99 37.98
CA VAL B 113 44.52 4.23 36.72
C VAL B 113 44.28 2.91 35.99
N GLY B 114 45.25 2.01 36.06
CA GLY B 114 45.06 0.69 35.46
C GLY B 114 43.88 -0.03 36.05
N ARG B 115 43.79 -0.05 37.38
CA ARG B 115 42.70 -0.77 38.04
C ARG B 115 41.35 -0.11 37.75
N THR B 116 41.32 1.21 37.73
CA THR B 116 40.08 1.93 37.43
C THR B 116 39.57 1.60 36.02
N LEU B 117 40.46 1.65 35.04
CA LEU B 117 40.03 1.34 33.68
C LEU B 117 39.71 -0.14 33.50
N ALA B 118 40.40 -1.02 34.23
CA ALA B 118 40.06 -2.44 34.18
C ALA B 118 38.66 -2.69 34.72
N LEU B 119 38.25 -1.93 35.74
CA LEU B 119 36.89 -2.07 36.24
C LEU B 119 35.87 -1.56 35.22
N ALA B 120 36.14 -0.39 34.63
CA ALA B 120 35.22 0.18 33.66
C ALA B 120 35.05 -0.73 32.44
N LEU B 121 36.12 -1.40 32.02
CA LEU B 121 36.02 -2.26 30.84
C LEU B 121 35.10 -3.45 31.09
N GLY B 122 35.26 -4.12 32.24
CA GLY B 122 34.37 -5.21 32.57
C GLY B 122 32.92 -4.77 32.67
N LEU B 123 32.66 -3.63 33.30
CA LEU B 123 31.29 -3.14 33.34
C LEU B 123 30.74 -2.90 31.94
N TYR B 124 31.55 -2.35 31.04
CA TYR B 124 31.05 -2.07 29.69
C TYR B 124 30.74 -3.37 28.95
N LEU B 125 31.57 -4.39 29.12
CA LEU B 125 31.31 -5.68 28.47
C LEU B 125 30.00 -6.29 28.97
N VAL B 126 29.80 -6.27 30.29
CA VAL B 126 28.57 -6.82 30.86
C VAL B 126 27.36 -6.05 30.35
N ALA B 127 27.48 -4.73 30.22
CA ALA B 127 26.35 -3.94 29.74
C ALA B 127 26.01 -4.28 28.30
N ALA B 128 27.03 -4.49 27.46
CA ALA B 128 26.76 -4.86 26.07
C ALA B 128 26.05 -6.20 26.00
N LEU B 129 26.52 -7.19 26.76
CA LEU B 129 25.87 -8.49 26.77
C LEU B 129 24.41 -8.37 27.20
N LEU B 130 24.15 -7.62 28.27
CA LEU B 130 22.78 -7.46 28.76
C LEU B 130 21.87 -6.77 27.73
N VAL B 131 22.37 -5.75 27.03
CA VAL B 131 21.56 -5.10 26.01
C VAL B 131 21.22 -6.08 24.89
N TRP B 132 22.19 -6.88 24.45
CA TRP B 132 21.92 -7.83 23.39
C TRP B 132 20.85 -8.84 23.80
N VAL B 133 20.97 -9.39 25.01
CA VAL B 133 20.00 -10.38 25.47
C VAL B 133 18.61 -9.76 25.60
N GLN B 134 18.54 -8.51 26.09
CA GLN B 134 17.24 -7.85 26.19
C GLN B 134 16.60 -7.68 24.82
N ALA B 135 17.40 -7.31 23.81
CA ALA B 135 16.85 -7.18 22.47
C ALA B 135 16.28 -8.50 21.97
N ARG B 136 17.01 -9.59 22.19
CA ARG B 136 16.52 -10.91 21.76
C ARG B 136 15.18 -11.24 22.41
N LEU B 137 15.10 -11.08 23.73
CA LEU B 137 13.85 -11.44 24.41
C LEU B 137 12.69 -10.54 24.00
N LEU B 138 12.96 -9.26 23.75
CA LEU B 138 11.91 -8.37 23.29
C LEU B 138 11.37 -8.79 21.94
N ASN B 139 12.27 -9.17 21.03
CA ASN B 139 11.82 -9.66 19.73
C ASN B 139 10.94 -10.89 19.89
N VAL B 140 11.38 -11.83 20.73
CA VAL B 140 10.62 -13.06 20.95
C VAL B 140 9.21 -12.74 21.43
N THR B 141 9.08 -11.86 22.42
CA THR B 141 7.76 -11.61 22.99
C THR B 141 6.86 -10.83 22.04
N VAL B 142 7.42 -9.90 21.26
CA VAL B 142 6.60 -9.18 20.30
C VAL B 142 6.02 -10.14 19.28
N GLN B 143 6.83 -11.08 18.77
CA GLN B 143 6.29 -12.03 17.81
C GLN B 143 5.29 -12.98 18.47
N ARG B 144 5.56 -13.42 19.69
CA ARG B 144 4.64 -14.33 20.37
C ARG B 144 3.28 -13.70 20.62
N THR B 145 3.21 -12.38 20.75
CA THR B 145 1.89 -11.76 20.88
C THR B 145 1.24 -11.45 19.54
N MET B 146 2.03 -11.07 18.53
CA MET B 146 1.44 -10.80 17.22
C MET B 146 0.82 -12.05 16.62
N VAL B 147 1.46 -13.20 16.80
CA VAL B 147 0.91 -14.45 16.27
C VAL B 147 -0.48 -14.70 16.86
N ALA B 148 -0.62 -14.53 18.16
CA ALA B 148 -1.90 -14.80 18.81
C ALA B 148 -2.95 -13.77 18.42
N LEU B 149 -2.54 -12.51 18.22
CA LEU B 149 -3.50 -11.50 17.79
C LEU B 149 -4.05 -11.82 16.41
N ARG B 150 -3.18 -12.20 15.48
CA ARG B 150 -3.64 -12.55 14.14
C ARG B 150 -4.52 -13.80 14.17
N ALA B 151 -4.16 -14.78 14.99
CA ALA B 151 -4.98 -15.97 15.08
C ALA B 151 -6.37 -15.65 15.62
N GLU B 152 -6.46 -14.74 16.58
CA GLU B 152 -7.76 -14.34 17.10
C GLU B 152 -8.58 -13.63 16.02
N VAL B 153 -7.94 -12.74 15.26
CA VAL B 153 -8.66 -12.05 14.18
C VAL B 153 -9.23 -13.05 13.18
N GLN B 154 -8.46 -14.08 12.83
CA GLN B 154 -8.94 -15.08 11.88
C GLN B 154 -10.12 -15.87 12.46
N GLU B 155 -9.96 -16.38 13.69
CA GLU B 155 -11.04 -17.12 14.32
C GLU B 155 -12.29 -16.26 14.43
N LYS B 156 -12.15 -14.94 14.50
CA LYS B 156 -13.32 -14.08 14.49
C LYS B 156 -13.94 -14.02 13.11
N ILE B 157 -13.12 -13.72 12.10
CA ILE B 157 -13.61 -13.63 10.72
C ILE B 157 -14.48 -14.83 10.38
N HIS B 158 -14.10 -16.00 10.86
CA HIS B 158 -14.92 -17.16 10.52
C HIS B 158 -16.16 -17.32 11.39
N ARG B 159 -16.55 -16.32 12.17
CA ARG B 159 -17.77 -16.39 12.96
C ARG B 159 -18.72 -15.22 12.75
N LEU B 160 -18.25 -14.09 12.23
CA LEU B 160 -19.12 -12.95 12.00
C LEU B 160 -20.24 -13.31 11.03
N PRO B 161 -21.42 -12.72 11.18
CA PRO B 161 -22.50 -12.98 10.24
C PRO B 161 -22.28 -12.23 8.93
N LEU B 162 -22.93 -12.73 7.87
CA LEU B 162 -22.77 -12.11 6.56
C LEU B 162 -23.28 -10.69 6.52
N SER B 163 -24.24 -10.35 7.40
CA SER B 163 -24.70 -8.97 7.45
C SER B 163 -23.57 -8.01 7.78
N TYR B 164 -22.56 -8.48 8.50
CA TYR B 164 -21.40 -7.64 8.79
C TYR B 164 -20.62 -7.35 7.53
N PHE B 165 -20.21 -8.39 6.80
CA PHE B 165 -19.41 -8.20 5.61
C PHE B 165 -20.18 -7.49 4.51
N ASP B 166 -21.51 -7.57 4.53
CA ASP B 166 -22.30 -6.90 3.49
C ASP B 166 -22.59 -5.45 3.83
N SER B 167 -22.62 -5.10 5.11
CA SER B 167 -22.93 -3.72 5.49
C SER B 167 -21.70 -2.82 5.37
N ARG B 168 -20.52 -3.35 5.67
CA ARG B 168 -19.30 -2.54 5.62
C ARG B 168 -19.04 -2.09 4.18
N GLN B 169 -18.17 -1.09 4.06
CA GLN B 169 -17.81 -0.53 2.77
C GLN B 169 -16.96 -1.51 1.99
N ARG B 170 -16.53 -1.13 0.80
CA ARG B 170 -15.74 -1.99 -0.07
C ARG B 170 -14.27 -1.80 0.26
N GLY B 171 -13.64 -2.85 0.77
CA GLY B 171 -12.23 -2.81 1.10
C GLY B 171 -11.90 -2.24 2.47
N GLU B 172 -12.82 -2.32 3.42
CA GLU B 172 -12.59 -1.77 4.75
C GLU B 172 -12.15 -2.83 5.74
N VAL B 173 -12.81 -3.99 5.73
CA VAL B 173 -12.40 -5.08 6.62
C VAL B 173 -11.00 -5.53 6.29
N LEU B 174 -10.66 -5.56 5.00
CA LEU B 174 -9.32 -5.94 4.59
C LEU B 174 -8.28 -5.01 5.18
N SER B 175 -8.63 -3.74 5.38
CA SER B 175 -7.70 -2.82 6.04
C SER B 175 -7.72 -3.03 7.55
N ARG B 176 -8.90 -3.33 8.11
CA ARG B 176 -8.97 -3.64 9.54
C ARG B 176 -8.06 -4.80 9.91
N VAL B 177 -7.88 -5.76 9.01
CA VAL B 177 -7.16 -6.98 9.36
C VAL B 177 -5.72 -7.02 8.85
N THR B 178 -5.37 -6.24 7.83
CA THR B 178 -4.01 -6.28 7.29
C THR B 178 -3.11 -5.19 7.86
N ASN B 179 -3.48 -3.92 7.67
CA ASN B 179 -2.59 -2.82 8.04
C ASN B 179 -2.67 -2.50 9.53
N ASP B 180 -3.83 -2.69 10.14
CA ASP B 180 -3.98 -2.34 11.55
C ASP B 180 -3.11 -3.23 12.43
N VAL B 181 -2.98 -4.51 12.09
CA VAL B 181 -2.15 -5.38 12.92
C VAL B 181 -0.67 -5.00 12.76
N ASP B 182 -0.27 -4.54 11.58
CA ASP B 182 1.10 -4.06 11.40
C ASP B 182 1.34 -2.81 12.24
N ASN B 183 0.38 -1.88 12.24
CA ASN B 183 0.50 -0.71 13.09
C ASN B 183 0.60 -1.11 14.56
N ILE B 184 -0.18 -2.10 14.98
CA ILE B 184 -0.14 -2.52 16.37
C ILE B 184 1.22 -3.10 16.71
N GLN B 185 1.79 -3.90 15.82
CA GLN B 185 3.11 -4.48 16.07
C GLN B 185 4.17 -3.39 16.18
N ASN B 186 4.14 -2.43 15.26
CA ASN B 186 5.09 -1.33 15.33
C ASN B 186 4.94 -0.57 16.63
N SER B 187 3.71 -0.25 17.02
CA SER B 187 3.49 0.47 18.27
C SER B 187 4.03 -0.29 19.46
N VAL B 188 3.79 -1.61 19.52
CA VAL B 188 4.20 -2.38 20.69
C VAL B 188 5.71 -2.45 20.79
N SER B 189 6.37 -2.82 19.69
CA SER B 189 7.82 -2.90 19.72
C SER B 189 8.44 -1.55 20.08
N MET B 190 7.97 -0.49 19.42
CA MET B 190 8.49 0.84 19.70
C MET B 190 8.27 1.22 21.15
N THR B 191 7.04 1.08 21.67
CA THR B 191 6.78 1.53 23.03
C THR B 191 7.69 0.81 24.00
N ILE B 192 7.71 -0.53 23.96
CA ILE B 192 8.54 -1.24 24.92
C ILE B 192 9.98 -0.77 24.79
N SER B 193 10.60 -1.03 23.64
CA SER B 193 12.03 -0.76 23.51
C SER B 193 12.35 0.70 23.80
N GLN B 194 11.85 1.61 22.95
CA GLN B 194 12.29 3.00 23.03
C GLN B 194 11.76 3.70 24.27
N LEU B 195 10.46 3.61 24.56
CA LEU B 195 9.95 4.32 25.71
C LEU B 195 10.58 3.83 27.00
N LEU B 196 10.66 2.51 27.20
CA LEU B 196 11.25 2.03 28.43
C LEU B 196 12.70 2.47 28.53
N THR B 197 13.48 2.28 27.46
CA THR B 197 14.89 2.65 27.50
C THR B 197 15.06 4.13 27.79
N SER B 198 14.28 4.98 27.12
CA SER B 198 14.48 6.41 27.25
C SER B 198 14.02 6.93 28.60
N VAL B 199 12.90 6.43 29.11
CA VAL B 199 12.44 6.89 30.42
C VAL B 199 13.41 6.46 31.50
N LEU B 200 13.86 5.20 31.47
CA LEU B 200 14.82 4.76 32.46
C LEU B 200 16.14 5.51 32.34
N THR B 201 16.55 5.82 31.11
CA THR B 201 17.78 6.57 30.91
C THR B 201 17.67 7.97 31.51
N VAL B 202 16.55 8.65 31.23
CA VAL B 202 16.35 9.98 31.78
C VAL B 202 16.37 9.95 33.30
N PHE B 203 15.71 8.95 33.90
CA PHE B 203 15.66 8.89 35.37
C PHE B 203 17.04 8.63 35.96
N ALA B 204 17.75 7.64 35.43
CA ALA B 204 19.07 7.32 35.97
C ALA B 204 20.04 8.47 35.79
N VAL B 205 20.01 9.11 34.62
CA VAL B 205 20.90 10.23 34.36
C VAL B 205 20.58 11.39 35.29
N LEU B 206 19.30 11.62 35.58
CA LEU B 206 18.94 12.68 36.50
C LEU B 206 19.45 12.39 37.91
N VAL B 207 19.34 11.14 38.35
CA VAL B 207 19.85 10.80 39.68
C VAL B 207 21.36 11.00 39.76
N MET B 208 22.09 10.56 38.73
CA MET B 208 23.54 10.74 38.74
C MET B 208 23.92 12.21 38.74
N MET B 209 23.24 13.01 37.90
CA MET B 209 23.50 14.45 37.89
C MET B 209 23.28 15.06 39.27
N LEU B 210 22.20 14.68 39.95
CA LEU B 210 21.98 15.20 41.29
C LEU B 210 23.09 14.79 42.24
N THR B 211 23.64 13.60 42.07
CA THR B 211 24.75 13.20 42.94
C THR B 211 25.99 14.04 42.67
N ILE B 212 26.23 14.41 41.41
CA ILE B 212 27.45 15.15 41.08
C ILE B 212 27.38 16.58 41.59
N SER B 213 26.35 17.33 41.15
CA SER B 213 26.14 18.70 41.61
C SER B 213 24.71 19.14 41.35
N PRO B 214 24.02 19.67 42.35
CA PRO B 214 22.59 19.96 42.18
C PRO B 214 22.28 21.29 41.49
N LEU B 215 23.24 21.90 40.81
CA LEU B 215 23.01 23.16 40.11
C LEU B 215 23.05 23.00 38.59
N LEU B 216 24.08 22.33 38.09
CA LEU B 216 24.13 22.05 36.66
C LEU B 216 22.98 21.15 36.25
N THR B 217 22.47 20.32 37.17
CA THR B 217 21.26 19.57 36.86
C THR B 217 20.05 20.49 36.81
N LEU B 218 20.03 21.55 37.62
CA LEU B 218 18.98 22.55 37.48
C LEU B 218 18.98 23.14 36.09
N PHE B 219 20.17 23.45 35.56
CA PHE B 219 20.24 23.93 34.17
C PHE B 219 19.70 22.89 33.20
N THR B 220 20.19 21.66 33.30
CA THR B 220 19.83 20.63 32.34
C THR B 220 18.35 20.30 32.38
N VAL B 221 17.68 20.51 33.53
CA VAL B 221 16.24 20.24 33.57
C VAL B 221 15.40 21.48 33.35
N VAL B 222 15.96 22.68 33.47
CA VAL B 222 15.19 23.85 33.07
C VAL B 222 15.18 23.98 31.56
N THR B 223 16.08 23.28 30.87
CA THR B 223 16.00 23.31 29.41
C THR B 223 14.91 22.41 28.84
N VAL B 224 14.19 21.64 29.66
CA VAL B 224 13.24 20.63 29.16
C VAL B 224 11.89 21.23 28.76
N PRO B 225 11.23 22.06 29.59
CA PRO B 225 9.92 22.60 29.18
C PRO B 225 9.97 23.35 27.86
N ALA B 226 11.08 24.00 27.55
CA ALA B 226 11.19 24.66 26.26
C ALA B 226 11.18 23.65 25.12
N SER B 227 11.88 22.53 25.30
CA SER B 227 11.87 21.49 24.28
C SER B 227 10.47 20.93 24.06
N LEU B 228 9.76 20.65 25.15
CA LEU B 228 8.42 20.08 25.00
C LEU B 228 7.46 21.08 24.39
N TRP B 229 7.58 22.35 24.76
CA TRP B 229 6.70 23.37 24.20
C TRP B 229 6.96 23.56 22.72
N VAL B 230 8.23 23.56 22.31
CA VAL B 230 8.54 23.72 20.90
C VAL B 230 8.03 22.53 20.09
N THR B 231 8.19 21.32 20.64
CA THR B 231 7.65 20.14 19.95
C THR B 231 6.14 20.24 19.80
N ARG B 232 5.43 20.62 20.87
CA ARG B 232 3.98 20.77 20.78
C ARG B 232 3.59 21.81 19.75
N TRP B 233 4.25 22.96 19.77
CA TRP B 233 3.92 24.02 18.83
C TRP B 233 4.08 23.56 17.40
N ILE B 234 5.21 22.90 17.10
CA ILE B 234 5.47 22.51 15.73
C ILE B 234 4.51 21.41 15.28
N THR B 235 4.16 20.48 16.18
CA THR B 235 3.22 19.43 15.79
C THR B 235 1.83 20.00 15.55
N ARG B 236 1.36 20.87 16.45
CA ARG B 236 0.07 21.52 16.25
C ARG B 236 0.05 22.31 14.94
N ARG B 237 1.15 22.99 14.63
CA ARG B 237 1.20 23.77 13.41
C ARG B 237 1.27 22.89 12.17
N SER B 238 1.82 21.69 12.30
CA SER B 238 2.08 20.84 11.14
C SER B 238 0.94 19.89 10.81
N GLN B 239 0.03 19.62 11.75
CA GLN B 239 -1.10 18.74 11.40
C GLN B 239 -1.94 19.26 10.24
N PRO B 240 -2.37 20.52 10.19
CA PRO B 240 -3.14 21.00 9.03
C PRO B 240 -2.35 21.02 7.73
N LEU B 241 -1.05 20.78 7.78
CA LEU B 241 -0.26 20.64 6.56
C LEU B 241 -0.09 19.19 6.17
N PHE B 242 -0.40 18.25 7.06
CA PHE B 242 -0.46 16.84 6.70
C PHE B 242 -1.82 16.47 6.14
N VAL B 243 -2.88 17.07 6.68
CA VAL B 243 -4.21 16.80 6.12
C VAL B 243 -4.28 17.28 4.67
N ALA B 244 -3.63 18.41 4.37
CA ALA B 244 -3.66 18.91 3.00
C ALA B 244 -2.89 18.01 2.06
N GLN B 245 -1.76 17.47 2.52
CA GLN B 245 -1.00 16.56 1.67
C GLN B 245 -1.79 15.29 1.40
N TRP B 246 -2.41 14.73 2.43
CA TRP B 246 -3.21 13.52 2.23
C TRP B 246 -4.36 13.79 1.27
N ARG B 247 -5.04 14.92 1.43
CA ARG B 247 -6.14 15.26 0.54
C ARG B 247 -5.67 15.42 -0.90
N ASN B 248 -4.58 16.16 -1.12
CA ASN B 248 -4.14 16.41 -2.49
C ASN B 248 -3.62 15.15 -3.15
N THR B 249 -2.98 14.26 -2.39
CA THR B 249 -2.58 12.98 -2.94
C THR B 249 -3.80 12.14 -3.31
N GLY B 250 -4.85 12.19 -2.49
CA GLY B 250 -6.07 11.49 -2.84
C GLY B 250 -6.67 11.98 -4.14
N ARG B 251 -6.74 13.31 -4.31
CA ARG B 251 -7.29 13.87 -5.53
C ARG B 251 -6.44 13.50 -6.75
N LEU B 252 -5.12 13.55 -6.60
CA LEU B 252 -4.24 13.17 -7.70
C LEU B 252 -4.42 11.72 -8.10
N ALA B 253 -4.49 10.82 -7.11
CA ALA B 253 -4.67 9.41 -7.42
C ALA B 253 -6.03 9.16 -8.08
N ALA B 254 -7.06 9.89 -7.65
CA ALA B 254 -8.37 9.75 -8.28
C ALA B 254 -8.32 10.14 -9.74
N HIS B 255 -7.73 11.30 -10.03
CA HIS B 255 -7.65 11.72 -11.43
C HIS B 255 -6.82 10.74 -12.25
N LEU B 256 -5.71 10.25 -11.69
CA LEU B 256 -4.88 9.32 -12.44
C LEU B 256 -5.62 8.03 -12.75
N GLU B 257 -6.32 7.46 -11.78
CA GLU B 257 -6.99 6.19 -12.02
C GLU B 257 -8.18 6.36 -12.96
N GLU B 258 -8.87 7.50 -12.90
CA GLU B 258 -9.99 7.67 -13.80
C GLU B 258 -9.57 8.12 -15.18
N THR B 259 -8.33 8.55 -15.37
CA THR B 259 -7.83 8.79 -16.72
C THR B 259 -7.03 7.61 -17.27
N TYR B 260 -6.66 6.66 -16.42
CA TYR B 260 -5.99 5.44 -16.89
C TYR B 260 -6.97 4.33 -17.21
N SER B 261 -8.02 4.17 -16.40
CA SER B 261 -9.00 3.13 -16.67
C SER B 261 -9.86 3.47 -17.88
N GLY B 262 -10.21 4.73 -18.05
CA GLY B 262 -11.02 5.15 -19.17
C GLY B 262 -10.19 5.82 -20.24
N PHE B 263 -9.04 5.24 -20.54
CA PHE B 263 -8.08 5.92 -21.39
C PHE B 263 -8.55 5.98 -22.84
N THR B 264 -9.17 4.92 -23.34
CA THR B 264 -9.65 4.94 -24.72
C THR B 264 -10.69 6.04 -24.93
N ILE B 265 -11.51 6.32 -23.92
CA ILE B 265 -12.54 7.33 -24.05
C ILE B 265 -11.97 8.71 -23.80
N VAL B 266 -11.08 8.84 -22.81
CA VAL B 266 -10.38 10.10 -22.60
C VAL B 266 -9.71 10.55 -23.87
N LYS B 267 -9.17 9.60 -24.63
CA LYS B 267 -8.36 9.89 -25.80
C LYS B 267 -9.21 10.07 -27.06
N THR B 268 -10.22 9.22 -27.26
CA THR B 268 -10.95 9.24 -28.52
C THR B 268 -12.02 10.32 -28.59
N PHE B 269 -12.32 11.00 -27.50
CA PHE B 269 -13.35 12.03 -27.48
C PHE B 269 -12.80 13.44 -27.47
N GLY B 270 -11.48 13.59 -27.48
CA GLY B 270 -10.82 14.88 -27.55
C GLY B 270 -10.17 15.30 -26.25
N HIS B 271 -10.70 14.88 -25.12
CA HIS B 271 -10.27 15.38 -23.82
C HIS B 271 -8.93 14.76 -23.41
N ARG B 272 -7.93 14.98 -24.25
CA ARG B 272 -6.57 14.52 -23.96
C ARG B 272 -5.66 15.65 -23.51
N GLU B 273 -5.91 16.89 -23.92
CA GLU B 273 -5.19 18.02 -23.36
C GLU B 273 -5.81 18.53 -22.08
N ALA B 274 -7.14 18.42 -21.94
CA ALA B 274 -7.78 18.83 -20.70
C ALA B 274 -7.34 17.97 -19.54
N ALA B 275 -7.16 16.66 -19.78
CA ALA B 275 -6.66 15.78 -18.74
C ALA B 275 -5.24 16.15 -18.34
N ALA B 276 -4.41 16.53 -19.32
CA ALA B 276 -3.05 16.94 -19.00
C ALA B 276 -3.04 18.24 -18.21
N GLY B 277 -3.91 19.18 -18.55
CA GLY B 277 -3.98 20.42 -17.79
C GLY B 277 -4.42 20.21 -16.36
N LYS B 278 -5.49 19.42 -16.17
CA LYS B 278 -5.96 19.14 -14.82
C LYS B 278 -4.90 18.40 -14.02
N PHE B 279 -4.14 17.52 -14.69
CA PHE B 279 -3.08 16.83 -13.97
C PHE B 279 -1.96 17.76 -13.59
N ALA B 280 -1.59 18.69 -14.46
CA ALA B 280 -0.56 19.66 -14.10
C ALA B 280 -0.98 20.45 -12.87
N GLU B 281 -2.25 20.87 -12.82
CA GLU B 281 -2.74 21.59 -11.65
C GLU B 281 -2.64 20.74 -10.39
N LEU B 282 -3.11 19.50 -10.45
CA LEU B 282 -3.06 18.64 -9.27
C LEU B 282 -1.63 18.34 -8.85
N ASN B 283 -0.71 18.25 -9.82
CA ASN B 283 0.69 17.98 -9.51
C ASN B 283 1.31 19.15 -8.76
N SER B 284 1.11 20.37 -9.27
CA SER B 284 1.60 21.53 -8.54
C SER B 284 1.00 21.61 -7.14
N GLU B 285 -0.30 21.33 -7.02
CA GLU B 285 -0.95 21.44 -5.73
C GLU B 285 -0.46 20.39 -4.74
N THR B 286 -0.08 19.20 -5.21
CA THR B 286 0.43 18.23 -4.25
C THR B 286 1.88 18.48 -3.91
N GLN B 287 2.67 19.04 -4.84
CA GLN B 287 4.04 19.40 -4.49
C GLN B 287 4.07 20.50 -3.44
N GLN B 288 3.26 21.54 -3.63
CA GLN B 288 3.28 22.67 -2.70
C GLN B 288 2.89 22.28 -1.29
N SER B 289 2.23 21.14 -1.12
CA SER B 289 1.81 20.67 0.20
C SER B 289 2.79 19.66 0.79
N SER B 290 3.31 18.75 -0.03
CA SER B 290 4.37 17.87 0.45
C SER B 290 5.56 18.69 0.94
N PHE B 291 5.85 19.81 0.27
CA PHE B 291 6.95 20.66 0.69
C PHE B 291 6.72 21.18 2.11
N GLY B 292 5.55 21.76 2.37
CA GLY B 292 5.28 22.29 3.69
C GLY B 292 5.35 21.23 4.77
N ALA B 293 4.72 20.08 4.53
CA ALA B 293 4.73 19.02 5.55
C ALA B 293 6.13 18.55 5.86
N GLN B 294 6.93 18.26 4.82
CA GLN B 294 8.27 17.76 5.05
C GLN B 294 9.14 18.82 5.70
N PHE B 295 8.97 20.08 5.32
CA PHE B 295 9.76 21.14 5.94
C PHE B 295 9.45 21.26 7.42
N PHE B 296 8.20 21.11 7.82
CA PHE B 296 7.92 21.27 9.25
C PHE B 296 8.37 20.08 10.07
N SER B 297 8.28 18.87 9.54
CA SER B 297 8.90 17.74 10.24
C SER B 297 10.40 17.96 10.39
N GLY B 298 11.06 18.37 9.32
CA GLY B 298 12.43 18.81 9.42
C GLY B 298 12.60 19.75 10.59
N LEU B 299 11.91 20.89 10.56
CA LEU B 299 12.00 21.89 11.62
C LEU B 299 11.96 21.28 13.02
N VAL B 300 11.04 20.35 13.27
CA VAL B 300 10.97 19.82 14.62
C VAL B 300 12.19 18.97 14.94
N SER B 301 12.92 18.50 13.91
CA SER B 301 14.12 17.73 14.21
C SER B 301 15.22 18.53 14.93
N PRO B 302 15.75 19.67 14.39
CA PRO B 302 16.92 20.29 15.04
C PRO B 302 16.64 21.42 16.02
N ALA B 303 15.40 21.83 16.22
CA ALA B 303 15.14 22.86 17.22
C ALA B 303 15.41 22.35 18.63
N THR B 304 15.02 21.12 18.92
CA THR B 304 15.34 20.53 20.20
C THR B 304 16.84 20.37 20.37
N MET B 305 17.56 20.12 19.28
CA MET B 305 19.02 20.04 19.37
C MET B 305 19.62 21.40 19.68
N PHE B 306 19.03 22.47 19.12
CA PHE B 306 19.49 23.81 19.46
C PHE B 306 19.29 24.10 20.94
N ILE B 307 18.13 23.73 21.49
CA ILE B 307 17.89 23.98 22.91
C ILE B 307 18.80 23.13 23.79
N GLY B 308 19.05 21.88 23.38
CA GLY B 308 20.01 21.06 24.09
C GLY B 308 21.41 21.66 24.06
N ASN B 309 21.80 22.26 22.95
CA ASN B 309 23.12 22.88 22.87
C ASN B 309 23.20 24.13 23.74
N LEU B 310 22.12 24.88 23.86
CA LEU B 310 22.09 25.99 24.81
C LEU B 310 22.33 25.47 26.23
N SER B 311 21.63 24.40 26.60
CA SER B 311 21.84 23.82 27.92
C SER B 311 23.28 23.35 28.11
N TYR B 312 23.86 22.75 27.07
CA TYR B 312 25.22 22.25 27.17
C TYR B 312 26.23 23.37 27.31
N VAL B 313 26.01 24.50 26.64
CA VAL B 313 26.89 25.64 26.80
C VAL B 313 26.82 26.17 28.22
N ALA B 314 25.60 26.31 28.75
CA ALA B 314 25.47 26.79 30.12
C ALA B 314 26.20 25.86 31.10
N VAL B 315 26.01 24.56 30.92
CA VAL B 315 26.67 23.59 31.80
C VAL B 315 28.18 23.71 31.69
N ALA B 316 28.71 23.79 30.47
CA ALA B 316 30.16 23.86 30.29
C ALA B 316 30.73 25.09 30.97
N VAL B 317 30.11 26.25 30.78
CA VAL B 317 30.68 27.49 31.34
C VAL B 317 30.59 27.47 32.86
N VAL B 318 29.42 27.12 33.41
CA VAL B 318 29.31 27.15 34.86
C VAL B 318 30.15 26.06 35.50
N GLY B 319 30.31 24.91 34.85
CA GLY B 319 31.18 23.89 35.38
C GLY B 319 32.64 24.31 35.36
N GLY B 320 33.07 24.98 34.30
CA GLY B 320 34.41 25.52 34.30
C GLY B 320 34.62 26.53 35.41
N LEU B 321 33.63 27.39 35.65
CA LEU B 321 33.75 28.39 36.70
C LEU B 321 33.68 27.78 38.09
N GLN B 322 33.09 26.61 38.23
CA GLN B 322 33.03 25.95 39.53
C GLN B 322 34.25 25.10 39.82
N VAL B 323 34.73 24.36 38.82
CA VAL B 323 35.98 23.62 38.99
C VAL B 323 37.14 24.57 39.21
N ALA B 324 37.18 25.67 38.46
CA ALA B 324 38.26 26.64 38.58
C ALA B 324 38.29 27.33 39.93
N THR B 325 37.34 27.06 40.82
CA THR B 325 37.35 27.62 42.16
C THR B 325 37.22 26.55 43.23
N GLY B 326 37.47 25.28 42.88
CA GLY B 326 37.55 24.22 43.86
C GLY B 326 36.26 23.85 44.53
N GLN B 327 35.20 23.68 43.75
CA GLN B 327 33.94 23.17 44.27
C GLN B 327 33.47 21.91 43.57
N ILE B 328 34.17 21.47 42.53
CA ILE B 328 33.88 20.25 41.78
C ILE B 328 35.18 19.79 41.14
N THR B 329 35.44 18.49 41.18
CA THR B 329 36.63 17.94 40.56
C THR B 329 36.47 17.96 39.04
N LEU B 330 37.53 17.56 38.32
CA LEU B 330 37.47 17.59 36.87
C LEU B 330 36.77 16.37 36.30
N GLY B 331 36.96 15.21 36.92
CA GLY B 331 36.23 14.03 36.50
C GLY B 331 34.74 14.19 36.66
N SER B 332 34.31 14.93 37.68
CA SER B 332 32.89 15.17 37.86
C SER B 332 32.32 15.96 36.69
N ILE B 333 33.02 16.99 36.21
CA ILE B 333 32.48 17.75 35.10
C ILE B 333 32.58 16.99 33.80
N GLN B 334 33.59 16.12 33.65
CA GLN B 334 33.64 15.29 32.45
C GLN B 334 32.45 14.32 32.40
N ALA B 335 32.23 13.62 33.51
CA ALA B 335 31.05 12.76 33.62
C ALA B 335 29.77 13.54 33.40
N PHE B 336 29.73 14.79 33.88
CA PHE B 336 28.52 15.57 33.73
C PHE B 336 28.26 15.93 32.27
N ILE B 337 29.31 16.23 31.52
CA ILE B 337 29.11 16.53 30.10
C ILE B 337 28.59 15.29 29.37
N GLN B 338 29.14 14.12 29.68
CA GLN B 338 28.61 12.90 29.09
C GLN B 338 27.15 12.70 29.46
N TYR B 339 26.79 12.97 30.71
CA TYR B 339 25.42 12.81 31.14
C TYR B 339 24.50 13.79 30.43
N VAL B 340 24.98 15.00 30.17
CA VAL B 340 24.16 15.99 29.47
C VAL B 340 23.85 15.49 28.07
N ARG B 341 24.84 14.91 27.39
CA ARG B 341 24.56 14.35 26.06
C ARG B 341 23.52 13.24 26.15
N GLN B 342 23.73 12.28 27.05
CA GLN B 342 22.80 11.15 27.15
C GLN B 342 21.41 11.59 27.55
N PHE B 343 21.28 12.69 28.28
CA PHE B 343 19.98 13.18 28.72
C PHE B 343 19.28 13.94 27.60
N ASN B 344 20.02 14.75 26.85
CA ASN B 344 19.41 15.50 25.76
C ASN B 344 19.13 14.65 24.54
N GLN B 345 19.60 13.40 24.50
CA GLN B 345 19.28 12.55 23.35
C GLN B 345 17.79 12.27 23.16
N PRO B 346 17.07 11.70 24.14
CA PRO B 346 15.67 11.29 23.86
C PRO B 346 14.70 12.43 23.64
N LEU B 347 15.05 13.64 24.07
CA LEU B 347 14.18 14.79 23.86
C LEU B 347 14.01 15.11 22.38
N THR B 348 14.87 14.58 21.52
CA THR B 348 14.72 14.73 20.09
C THR B 348 13.84 13.66 19.46
N GLN B 349 13.69 12.51 20.12
CA GLN B 349 12.87 11.42 19.60
C GLN B 349 11.44 11.46 20.11
N VAL B 350 11.19 12.19 21.20
CA VAL B 350 9.85 12.20 21.81
C VAL B 350 8.74 12.40 20.79
N ALA B 351 8.97 13.23 19.77
CA ALA B 351 7.92 13.54 18.81
C ALA B 351 7.53 12.32 17.98
N GLY B 352 8.51 11.66 17.37
CA GLY B 352 8.22 10.46 16.60
C GLY B 352 7.68 9.34 17.46
N MET B 353 8.19 9.22 18.69
CA MET B 353 7.64 8.22 19.61
C MET B 353 6.16 8.45 19.83
N TYR B 354 5.77 9.70 20.09
CA TYR B 354 4.36 9.99 20.29
C TYR B 354 3.55 9.70 19.04
N ASN B 355 4.07 10.08 17.87
CA ASN B 355 3.33 9.87 16.63
C ASN B 355 3.04 8.38 16.42
N THR B 356 4.07 7.54 16.54
CA THR B 356 3.85 6.12 16.29
C THR B 356 2.97 5.49 17.36
N LEU B 357 3.13 5.90 18.63
CA LEU B 357 2.29 5.34 19.68
C LEU B 357 0.82 5.70 19.46
N GLN B 358 0.55 6.93 19.02
CA GLN B 358 -0.83 7.33 18.77
C GLN B 358 -1.42 6.58 17.59
N SER B 359 -0.65 6.45 16.50
CA SER B 359 -1.13 5.68 15.37
C SER B 359 -1.44 4.24 15.77
N GLY B 360 -0.54 3.63 16.54
CA GLY B 360 -0.75 2.25 16.95
C GLY B 360 -1.96 2.09 17.83
N ILE B 361 -2.21 3.04 18.72
CA ILE B 361 -3.37 2.87 19.60
C ILE B 361 -4.67 3.14 18.86
N ALA B 362 -4.66 4.02 17.85
CA ALA B 362 -5.85 4.15 17.01
C ALA B 362 -6.14 2.85 16.26
N SER B 363 -5.12 2.26 15.66
CA SER B 363 -5.31 0.98 14.97
C SER B 363 -5.78 -0.10 15.93
N ALA B 364 -5.24 -0.12 17.14
CA ALA B 364 -5.68 -1.12 18.12
C ALA B 364 -7.12 -0.90 18.50
N GLU B 365 -7.56 0.35 18.57
CA GLU B 365 -8.97 0.61 18.85
C GLU B 365 -9.85 0.05 17.74
N ARG B 366 -9.45 0.25 16.49
CA ARG B 366 -10.23 -0.29 15.38
C ARG B 366 -10.29 -1.81 15.43
N VAL B 367 -9.15 -2.46 15.69
CA VAL B 367 -9.13 -3.92 15.71
C VAL B 367 -9.95 -4.45 16.88
N PHE B 368 -9.85 -3.83 18.04
CA PHE B 368 -10.60 -4.33 19.19
C PHE B 368 -12.08 -3.97 19.13
N ASP B 369 -12.48 -3.05 18.26
CA ASP B 369 -13.90 -2.89 18.03
C ASP B 369 -14.39 -3.84 16.94
N LEU B 370 -13.50 -4.33 16.09
CA LEU B 370 -13.86 -5.47 15.24
C LEU B 370 -14.05 -6.73 16.06
N LEU B 371 -13.15 -6.97 17.03
CA LEU B 371 -13.18 -8.16 17.85
C LEU B 371 -14.25 -8.14 18.93
N ASP B 372 -15.18 -7.19 18.89
CA ASP B 372 -16.23 -7.10 19.88
C ASP B 372 -17.62 -7.26 19.29
N THR B 373 -17.73 -7.52 17.99
CA THR B 373 -19.02 -7.71 17.35
C THR B 373 -19.64 -9.00 17.84
N GLU B 374 -20.85 -9.32 17.37
CA GLU B 374 -21.58 -10.48 17.83
C GLU B 374 -21.52 -11.61 16.82
N GLU B 375 -21.33 -12.83 17.32
CA GLU B 375 -21.31 -14.01 16.48
C GLU B 375 -22.72 -14.41 16.09
N GLU B 376 -22.83 -15.23 15.05
CA GLU B 376 -24.12 -15.39 14.37
C GLU B 376 -25.22 -16.06 15.18
N SER B 377 -25.16 -17.38 15.43
CA SER B 377 -26.27 -17.98 16.18
C SER B 377 -25.95 -19.18 17.06
N ALA B 378 -24.71 -19.68 17.12
CA ALA B 378 -24.39 -20.89 17.87
C ALA B 378 -25.32 -22.06 17.48
N ASP B 379 -25.14 -22.49 16.23
CA ASP B 379 -26.05 -23.44 15.59
C ASP B 379 -26.24 -24.72 16.41
N SER B 380 -27.38 -25.37 16.18
CA SER B 380 -27.71 -26.59 16.89
C SER B 380 -26.88 -27.76 16.36
N PRO B 381 -26.59 -28.76 17.19
CA PRO B 381 -25.78 -29.91 16.76
C PRO B 381 -26.59 -31.07 16.21
N ARG B 382 -27.34 -30.83 15.13
CA ARG B 382 -28.15 -31.86 14.49
C ARG B 382 -27.81 -31.95 13.02
N ARG B 383 -27.46 -33.14 12.56
CA ARG B 383 -27.16 -33.36 11.16
C ARG B 383 -28.43 -33.34 10.32
N ALA B 384 -28.33 -32.79 9.12
CA ALA B 384 -29.45 -32.75 8.20
C ALA B 384 -29.31 -33.85 7.15
N ASP B 385 -30.40 -34.56 6.90
CA ASP B 385 -30.45 -35.64 5.91
C ASP B 385 -31.50 -35.27 4.87
N VAL B 386 -31.08 -34.55 3.83
CA VAL B 386 -32.00 -34.15 2.78
C VAL B 386 -32.19 -35.32 1.82
N ARG B 387 -33.21 -36.14 2.09
CA ARG B 387 -33.34 -37.40 1.36
C ARG B 387 -33.84 -37.18 -0.06
N THR B 388 -34.76 -36.24 -0.25
CA THR B 388 -35.32 -36.00 -1.57
C THR B 388 -35.02 -34.60 -2.08
N GLY B 389 -35.33 -33.56 -1.31
CA GLY B 389 -35.08 -32.21 -1.76
C GLY B 389 -36.34 -31.40 -1.92
N ARG B 390 -37.47 -31.92 -1.41
CA ARG B 390 -38.76 -31.25 -1.53
C ARG B 390 -38.79 -30.07 -0.56
N VAL B 391 -38.36 -28.90 -1.07
CA VAL B 391 -38.35 -27.70 -0.24
C VAL B 391 -39.77 -27.15 -0.17
N GLU B 392 -40.16 -26.70 1.03
CA GLU B 392 -41.46 -26.08 1.21
C GLU B 392 -41.26 -24.83 2.07
N PHE B 393 -41.49 -23.67 1.49
CA PHE B 393 -41.54 -22.47 2.30
C PHE B 393 -42.88 -22.39 3.02
N GLU B 394 -42.89 -21.71 4.16
CA GLU B 394 -44.10 -21.64 4.98
C GLU B 394 -44.18 -20.25 5.61
N HIS B 395 -44.93 -19.36 4.95
CA HIS B 395 -45.25 -18.03 5.48
C HIS B 395 -43.99 -17.22 5.79
N VAL B 396 -42.91 -17.50 5.07
CA VAL B 396 -41.65 -16.80 5.31
C VAL B 396 -41.86 -15.29 5.13
N SER B 397 -41.09 -14.52 5.89
CA SER B 397 -41.14 -13.06 5.78
C SER B 397 -39.77 -12.52 6.17
N PHE B 398 -39.05 -11.95 5.22
CA PHE B 398 -37.71 -11.43 5.45
C PHE B 398 -37.73 -9.91 5.38
N SER B 399 -36.68 -9.29 5.90
CA SER B 399 -36.69 -7.83 5.96
C SER B 399 -35.44 -7.15 5.39
N TYR B 400 -34.26 -7.71 5.62
CA TYR B 400 -32.96 -7.15 5.24
C TYR B 400 -32.62 -5.91 6.04
N VAL B 401 -33.60 -5.33 6.72
CA VAL B 401 -33.45 -4.12 7.50
C VAL B 401 -34.67 -3.97 8.41
N PRO B 402 -34.59 -4.38 9.68
CA PRO B 402 -35.78 -4.43 10.54
C PRO B 402 -36.70 -3.24 10.36
N GLY B 403 -37.94 -3.52 9.99
CA GLY B 403 -38.83 -2.49 9.49
C GLY B 403 -39.37 -2.84 8.12
N THR B 404 -38.94 -2.10 7.09
CA THR B 404 -39.44 -2.33 5.74
C THR B 404 -39.08 -3.74 5.28
N PRO B 405 -40.06 -4.53 4.83
CA PRO B 405 -39.79 -5.90 4.41
C PRO B 405 -39.49 -6.04 2.93
N VAL B 406 -38.70 -7.07 2.62
CA VAL B 406 -38.34 -7.39 1.25
C VAL B 406 -39.13 -8.57 0.71
N ILE B 407 -39.38 -9.58 1.55
CA ILE B 407 -40.22 -10.70 1.17
C ILE B 407 -41.51 -10.61 1.95
N GLU B 408 -42.58 -11.14 1.36
CA GLU B 408 -43.89 -11.19 1.98
C GLU B 408 -44.29 -12.64 2.18
N ASP B 409 -45.54 -12.85 2.61
CA ASP B 409 -46.09 -14.19 2.78
C ASP B 409 -45.81 -15.03 1.53
N LEU B 410 -45.01 -16.09 1.68
CA LEU B 410 -44.50 -16.84 0.54
C LEU B 410 -44.57 -18.32 0.85
N SER B 411 -45.01 -19.11 -0.13
CA SER B 411 -45.36 -20.51 0.09
C SER B 411 -44.83 -21.39 -1.04
N LEU B 412 -43.56 -21.25 -1.39
CA LEU B 412 -42.96 -22.10 -2.42
C LEU B 412 -43.16 -23.57 -2.10
N VAL B 413 -43.39 -24.36 -3.14
CA VAL B 413 -43.76 -25.77 -3.03
C VAL B 413 -42.74 -26.63 -3.79
N ALA B 414 -41.48 -26.24 -3.77
CA ALA B 414 -40.49 -26.83 -4.68
C ALA B 414 -40.41 -28.35 -4.54
N GLU B 415 -40.84 -29.05 -5.58
CA GLU B 415 -40.91 -30.50 -5.60
C GLU B 415 -39.54 -31.09 -5.93
N PRO B 416 -39.35 -32.42 -5.76
CA PRO B 416 -38.04 -33.02 -5.97
C PRO B 416 -37.37 -32.69 -7.30
N GLY B 417 -38.05 -32.99 -8.41
CA GLY B 417 -37.46 -32.73 -9.70
C GLY B 417 -37.75 -31.35 -10.24
N SER B 418 -38.36 -30.51 -9.41
CA SER B 418 -38.78 -29.18 -9.85
C SER B 418 -37.57 -28.30 -10.14
N THR B 419 -37.84 -27.20 -10.84
CA THR B 419 -36.80 -26.27 -11.29
C THR B 419 -37.24 -24.84 -11.06
N VAL B 420 -37.70 -24.55 -9.85
CA VAL B 420 -38.23 -23.24 -9.48
C VAL B 420 -37.32 -22.13 -9.99
N ALA B 421 -37.87 -21.20 -10.75
CA ALA B 421 -37.11 -20.17 -11.43
C ALA B 421 -37.48 -18.79 -10.91
N ILE B 422 -36.50 -17.89 -10.94
CA ILE B 422 -36.66 -16.52 -10.47
C ILE B 422 -36.22 -15.59 -11.60
N VAL B 423 -37.18 -14.91 -12.23
CA VAL B 423 -36.91 -13.99 -13.32
C VAL B 423 -37.44 -12.62 -12.94
N GLY B 424 -36.69 -11.58 -13.25
CA GLY B 424 -37.11 -10.24 -12.94
C GLY B 424 -36.10 -9.19 -13.36
N PRO B 425 -36.38 -7.92 -13.02
CA PRO B 425 -35.44 -6.85 -13.34
C PRO B 425 -34.17 -6.99 -12.51
N THR B 426 -33.03 -7.07 -13.20
CA THR B 426 -31.76 -7.26 -12.52
C THR B 426 -31.50 -6.13 -11.53
N GLY B 427 -31.04 -6.49 -10.33
CA GLY B 427 -30.89 -5.55 -9.26
C GLY B 427 -32.07 -5.50 -8.31
N ALA B 428 -33.07 -6.36 -8.49
CA ALA B 428 -34.20 -6.44 -7.57
C ALA B 428 -33.87 -7.23 -6.31
N GLY B 429 -32.60 -7.56 -6.08
CA GLY B 429 -32.23 -8.39 -4.95
C GLY B 429 -32.69 -9.81 -5.15
N LYS B 430 -32.39 -10.37 -6.33
CA LYS B 430 -32.87 -11.70 -6.68
C LYS B 430 -32.18 -12.81 -5.90
N THR B 431 -31.16 -12.50 -5.10
CA THR B 431 -30.47 -13.48 -4.30
C THR B 431 -31.02 -13.57 -2.88
N THR B 432 -32.18 -12.97 -2.61
CA THR B 432 -32.74 -13.07 -1.28
C THR B 432 -33.16 -14.50 -0.96
N LEU B 433 -33.71 -15.21 -1.94
CA LEU B 433 -34.08 -16.60 -1.71
C LEU B 433 -32.84 -17.47 -1.53
N VAL B 434 -31.76 -17.16 -2.27
CA VAL B 434 -30.51 -17.87 -2.09
C VAL B 434 -29.99 -17.68 -0.68
N ASN B 435 -29.98 -16.43 -0.20
CA ASN B 435 -29.47 -16.18 1.14
C ASN B 435 -30.36 -16.81 2.20
N LEU B 436 -31.66 -16.87 1.97
CA LEU B 436 -32.54 -17.50 2.95
C LEU B 436 -32.33 -19.01 2.98
N LEU B 437 -32.04 -19.62 1.84
CA LEU B 437 -31.93 -21.07 1.81
C LEU B 437 -30.62 -21.56 2.42
N MET B 438 -29.51 -20.95 2.06
CA MET B 438 -28.22 -21.33 2.63
C MET B 438 -28.08 -20.93 4.09
N ARG B 439 -29.05 -20.22 4.65
CA ARG B 439 -29.01 -19.74 6.03
C ARG B 439 -27.88 -18.73 6.22
N PHE B 440 -27.69 -17.86 5.23
CA PHE B 440 -26.83 -16.70 5.45
C PHE B 440 -27.57 -15.61 6.21
N TYR B 441 -28.90 -15.61 6.15
CA TYR B 441 -29.75 -14.71 6.90
C TYR B 441 -30.90 -15.49 7.48
N ASP B 442 -31.29 -15.16 8.70
CA ASP B 442 -32.41 -15.82 9.36
C ASP B 442 -33.73 -15.21 8.89
N VAL B 443 -34.77 -16.04 8.89
CA VAL B 443 -36.10 -15.56 8.53
C VAL B 443 -36.79 -15.02 9.77
N ASP B 444 -37.58 -13.96 9.60
CA ASP B 444 -38.20 -13.32 10.75
C ASP B 444 -39.44 -14.08 11.22
N SER B 445 -40.17 -14.70 10.31
CA SER B 445 -41.31 -15.54 10.69
C SER B 445 -41.60 -16.48 9.54
N GLY B 446 -41.86 -17.74 9.86
CA GLY B 446 -42.13 -18.76 8.87
C GLY B 446 -41.30 -19.98 9.13
N ARG B 447 -41.18 -20.83 8.11
CA ARG B 447 -40.46 -22.09 8.27
C ARG B 447 -40.08 -22.60 6.88
N ILE B 448 -38.79 -22.85 6.68
CA ILE B 448 -38.33 -23.48 5.46
C ILE B 448 -38.08 -24.95 5.74
N THR B 449 -38.94 -25.81 5.20
CA THR B 449 -38.89 -27.24 5.52
C THR B 449 -38.27 -27.98 4.34
N ILE B 450 -37.06 -28.51 4.55
CA ILE B 450 -36.39 -29.32 3.54
C ILE B 450 -36.63 -30.79 3.83
N ASP B 451 -37.72 -31.34 3.29
CA ASP B 451 -38.09 -32.74 3.48
C ASP B 451 -38.27 -33.06 4.98
N GLY B 452 -39.29 -32.42 5.54
CA GLY B 452 -39.65 -32.64 6.94
C GLY B 452 -39.04 -31.67 7.92
N VAL B 453 -37.72 -31.76 8.14
CA VAL B 453 -37.05 -30.87 9.08
C VAL B 453 -37.00 -29.48 8.49
N ASP B 454 -36.68 -28.48 9.31
CA ASP B 454 -36.59 -27.10 8.89
C ASP B 454 -35.17 -26.59 9.09
N ILE B 455 -34.68 -25.80 8.14
CA ILE B 455 -33.28 -25.42 8.10
C ILE B 455 -32.84 -24.64 9.33
N ALA B 456 -33.77 -24.22 10.18
CA ALA B 456 -33.40 -23.49 11.38
C ALA B 456 -33.01 -24.42 12.53
N SER B 457 -33.74 -25.51 12.72
CA SER B 457 -33.44 -26.46 13.78
C SER B 457 -32.55 -27.60 13.29
N VAL B 458 -31.46 -27.28 12.60
CA VAL B 458 -30.44 -28.24 12.20
C VAL B 458 -29.12 -27.50 12.17
N SER B 459 -28.03 -28.27 12.07
CA SER B 459 -26.71 -27.66 12.03
C SER B 459 -26.54 -26.85 10.75
N ARG B 460 -25.41 -26.19 10.60
CA ARG B 460 -25.11 -25.48 9.37
C ARG B 460 -24.14 -26.22 8.48
N GLU B 461 -23.14 -26.88 9.05
CA GLU B 461 -22.21 -27.66 8.25
C GLU B 461 -22.96 -28.66 7.37
N SER B 462 -23.85 -29.44 7.97
CA SER B 462 -24.56 -30.47 7.21
C SER B 462 -25.45 -29.86 6.15
N LEU B 463 -26.27 -28.87 6.54
CA LEU B 463 -27.17 -28.23 5.59
C LEU B 463 -26.41 -27.64 4.41
N ARG B 464 -25.47 -26.74 4.68
CA ARG B 464 -24.72 -26.12 3.60
C ARG B 464 -23.88 -27.11 2.81
N ALA B 465 -23.47 -28.22 3.41
CA ALA B 465 -22.76 -29.24 2.64
C ALA B 465 -23.69 -30.12 1.84
N SER B 466 -24.99 -30.01 2.06
CA SER B 466 -25.97 -30.78 1.28
C SER B 466 -26.79 -29.90 0.35
N ILE B 467 -26.28 -28.75 -0.07
CA ILE B 467 -27.02 -27.89 -0.97
C ILE B 467 -26.23 -27.59 -2.23
N GLY B 468 -25.11 -26.89 -2.11
CA GLY B 468 -24.31 -26.60 -3.28
C GLY B 468 -24.80 -25.42 -4.10
N MET B 469 -23.89 -24.51 -4.42
CA MET B 469 -24.24 -23.25 -5.05
C MET B 469 -23.31 -22.94 -6.21
N VAL B 470 -23.86 -22.26 -7.22
CA VAL B 470 -23.10 -21.78 -8.36
C VAL B 470 -23.52 -20.34 -8.65
N LEU B 471 -22.73 -19.38 -8.18
CA LEU B 471 -23.11 -17.98 -8.19
C LEU B 471 -22.54 -17.25 -9.39
N GLN B 472 -22.83 -15.95 -9.46
CA GLN B 472 -22.30 -15.10 -10.53
C GLN B 472 -20.80 -14.93 -10.39
N ASP B 473 -20.36 -14.50 -9.21
CA ASP B 473 -18.95 -14.22 -9.00
C ASP B 473 -18.17 -15.51 -8.83
N THR B 474 -17.27 -15.79 -9.77
CA THR B 474 -16.43 -16.97 -9.68
C THR B 474 -15.28 -16.67 -8.73
N TRP B 475 -15.15 -17.47 -7.67
CA TRP B 475 -14.09 -17.31 -6.70
C TRP B 475 -13.06 -18.41 -6.90
N LEU B 476 -11.83 -18.01 -7.21
CA LEU B 476 -10.71 -18.92 -7.31
C LEU B 476 -9.58 -18.35 -6.47
N PHE B 477 -9.00 -19.17 -5.61
CA PHE B 477 -7.93 -18.71 -4.74
C PHE B 477 -6.58 -19.13 -5.30
N ALA B 478 -5.52 -18.55 -4.74
CA ALA B 478 -4.17 -18.81 -5.19
C ALA B 478 -3.83 -20.29 -5.10
N GLY B 479 -3.63 -20.91 -6.25
CA GLY B 479 -3.34 -22.32 -6.29
C GLY B 479 -3.57 -22.87 -7.68
N THR B 480 -3.34 -24.16 -7.81
CA THR B 480 -3.47 -24.83 -9.09
C THR B 480 -4.94 -24.89 -9.50
N ILE B 481 -5.19 -25.49 -10.66
CA ILE B 481 -6.56 -25.84 -11.01
C ILE B 481 -6.99 -27.08 -10.23
N TYR B 482 -6.06 -28.01 -10.03
CA TYR B 482 -6.38 -29.21 -9.26
C TYR B 482 -6.76 -28.86 -7.84
N ASP B 483 -6.05 -27.93 -7.22
CA ASP B 483 -6.39 -27.54 -5.86
C ASP B 483 -7.77 -26.89 -5.80
N ASN B 484 -8.10 -26.05 -6.78
CA ASN B 484 -9.40 -25.41 -6.79
C ASN B 484 -10.52 -26.43 -6.95
N ILE B 485 -10.33 -27.41 -7.82
CA ILE B 485 -11.41 -28.38 -7.99
C ILE B 485 -11.46 -29.34 -6.80
N ALA B 486 -10.34 -29.63 -6.16
CA ALA B 486 -10.37 -30.49 -4.98
C ALA B 486 -10.87 -29.76 -3.75
N TYR B 487 -10.96 -28.44 -3.79
CA TYR B 487 -11.58 -27.68 -2.71
C TYR B 487 -13.01 -28.13 -2.44
N GLY B 488 -13.69 -28.72 -3.43
CA GLY B 488 -15.05 -29.16 -3.22
C GLY B 488 -15.14 -30.28 -2.20
N ARG B 489 -14.22 -31.25 -2.26
CA ARG B 489 -14.20 -32.37 -1.33
C ARG B 489 -12.76 -32.82 -1.17
N PRO B 490 -12.03 -32.28 -0.20
CA PRO B 490 -10.59 -32.49 -0.16
C PRO B 490 -10.17 -33.80 0.52
N ASP B 491 -10.85 -34.90 0.19
CA ASP B 491 -10.38 -36.21 0.60
C ASP B 491 -10.63 -37.24 -0.49
N ALA B 492 -10.64 -36.79 -1.74
CA ALA B 492 -10.85 -37.66 -2.89
C ALA B 492 -9.58 -37.72 -3.72
N ASP B 493 -9.28 -38.89 -4.25
CA ASP B 493 -8.07 -39.10 -5.02
C ASP B 493 -8.17 -38.43 -6.40
N GLU B 494 -7.04 -38.43 -7.10
CA GLU B 494 -7.00 -37.81 -8.44
C GLU B 494 -7.99 -38.44 -9.39
N ASP B 495 -8.37 -39.70 -9.16
CA ASP B 495 -9.35 -40.35 -10.03
C ASP B 495 -10.69 -39.62 -9.95
N GLU B 496 -11.16 -39.34 -8.74
CA GLU B 496 -12.46 -38.70 -8.59
C GLU B 496 -12.42 -37.25 -9.02
N VAL B 497 -11.35 -36.54 -8.70
CA VAL B 497 -11.24 -35.14 -9.11
C VAL B 497 -11.17 -35.04 -10.63
N ILE B 498 -10.50 -36.00 -11.27
CA ILE B 498 -10.43 -35.98 -12.73
C ILE B 498 -11.76 -36.36 -13.34
N GLU B 499 -12.48 -37.30 -12.73
CA GLU B 499 -13.83 -37.61 -13.18
C GLU B 499 -14.73 -36.39 -13.08
N ALA B 500 -14.56 -35.59 -12.04
CA ALA B 500 -15.33 -34.35 -11.91
C ALA B 500 -14.95 -33.35 -12.99
N ALA B 501 -13.65 -33.03 -13.11
CA ALA B 501 -13.18 -32.10 -14.12
C ALA B 501 -13.47 -32.59 -15.54
N THR B 502 -13.81 -33.86 -15.70
CA THR B 502 -14.28 -34.36 -16.98
C THR B 502 -15.80 -34.26 -17.13
N ALA B 503 -16.54 -34.38 -16.02
CA ALA B 503 -17.98 -34.18 -16.08
C ALA B 503 -18.31 -32.76 -16.52
N ALA B 504 -17.73 -31.77 -15.85
CA ALA B 504 -17.67 -30.44 -16.44
C ALA B 504 -16.64 -30.45 -17.56
N TYR B 505 -16.80 -29.51 -18.49
CA TYR B 505 -15.96 -29.50 -19.68
C TYR B 505 -14.68 -28.70 -19.40
N VAL B 506 -13.89 -29.23 -18.48
CA VAL B 506 -12.63 -28.61 -18.08
C VAL B 506 -11.45 -29.27 -18.78
N ASP B 507 -11.50 -30.59 -18.96
CA ASP B 507 -10.39 -31.34 -19.53
C ASP B 507 -9.90 -30.77 -20.84
N ARG B 508 -10.80 -30.21 -21.65
CA ARG B 508 -10.39 -29.60 -22.92
C ARG B 508 -9.43 -28.44 -22.68
N PHE B 509 -9.86 -27.45 -21.91
CA PHE B 509 -8.99 -26.31 -21.63
C PHE B 509 -7.74 -26.73 -20.85
N VAL B 510 -7.82 -27.82 -20.10
CA VAL B 510 -6.62 -28.35 -19.46
C VAL B 510 -5.62 -28.83 -20.51
N HIS B 511 -6.12 -29.55 -21.53
CA HIS B 511 -5.27 -29.94 -22.64
C HIS B 511 -4.67 -28.72 -23.33
N THR B 512 -5.46 -27.66 -23.48
CA THR B 512 -4.96 -26.45 -24.13
C THR B 512 -3.82 -25.80 -23.36
N LEU B 513 -3.81 -25.90 -22.04
CA LEU B 513 -2.81 -25.19 -21.26
C LEU B 513 -1.50 -25.97 -21.21
N PRO B 514 -0.37 -25.26 -21.04
CA PRO B 514 0.93 -25.94 -21.00
C PRO B 514 1.03 -26.96 -19.86
N ASN B 515 0.82 -26.51 -18.63
CA ASN B 515 0.87 -27.38 -17.46
C ASN B 515 -0.52 -27.39 -16.83
N GLY B 516 -1.38 -28.27 -17.33
CA GLY B 516 -2.71 -28.38 -16.77
C GLY B 516 -2.69 -29.07 -15.42
N TYR B 517 -3.68 -28.74 -14.60
CA TYR B 517 -3.84 -29.27 -13.24
C TYR B 517 -2.70 -28.90 -12.32
N ASP B 518 -1.78 -28.06 -12.79
CA ASP B 518 -0.81 -27.42 -11.90
C ASP B 518 -0.57 -25.98 -12.28
N THR B 519 -1.39 -25.41 -13.15
CA THR B 519 -1.31 -24.01 -13.50
C THR B 519 -1.91 -23.16 -12.37
N ARG B 520 -1.12 -22.23 -11.84
CA ARG B 520 -1.65 -21.34 -10.83
C ARG B 520 -2.67 -20.41 -11.46
N VAL B 521 -3.90 -20.42 -10.95
CA VAL B 521 -5.00 -19.74 -11.61
C VAL B 521 -4.82 -18.23 -11.54
N ASP B 522 -4.54 -17.70 -10.35
CA ASP B 522 -4.38 -16.26 -10.21
C ASP B 522 -2.92 -15.83 -10.32
N ASP B 523 -2.01 -16.60 -9.74
CA ASP B 523 -0.59 -16.35 -9.92
C ASP B 523 -0.19 -16.73 -11.34
N ASP B 524 0.37 -15.76 -12.07
CA ASP B 524 0.81 -15.94 -13.46
C ASP B 524 -0.22 -16.66 -14.31
N GLY B 525 -1.51 -16.46 -14.01
CA GLY B 525 -2.57 -17.11 -14.76
C GLY B 525 -2.66 -16.64 -16.19
N GLY B 526 -3.00 -15.37 -16.38
CA GLY B 526 -3.00 -14.78 -17.71
C GLY B 526 -4.16 -15.20 -18.58
N ALA B 527 -4.23 -16.48 -18.92
CA ALA B 527 -5.20 -16.97 -19.90
C ALA B 527 -6.05 -18.07 -19.29
N ILE B 528 -7.15 -17.69 -18.65
CA ILE B 528 -8.19 -18.63 -18.23
C ILE B 528 -9.52 -18.06 -18.70
N SER B 529 -9.48 -16.80 -19.17
CA SER B 529 -10.55 -16.21 -19.97
C SER B 529 -11.81 -15.87 -19.17
N ALA B 530 -11.82 -16.19 -17.88
CA ALA B 530 -12.96 -15.94 -16.99
C ALA B 530 -14.25 -16.56 -17.49
N GLY B 531 -14.18 -17.49 -18.44
CA GLY B 531 -15.31 -18.28 -18.86
C GLY B 531 -14.99 -19.73 -18.59
N GLU B 532 -13.71 -20.03 -18.46
CA GLU B 532 -13.23 -21.30 -17.94
C GLU B 532 -13.24 -21.32 -16.42
N LYS B 533 -13.17 -20.16 -15.78
CA LYS B 533 -13.32 -20.10 -14.34
C LYS B 533 -14.70 -20.58 -13.91
N GLN B 534 -15.73 -20.24 -14.69
CA GLN B 534 -17.07 -20.75 -14.38
C GLN B 534 -17.13 -22.25 -14.53
N LEU B 535 -16.34 -22.83 -15.44
CA LEU B 535 -16.33 -24.28 -15.58
C LEU B 535 -15.56 -24.93 -14.44
N ILE B 536 -14.50 -24.29 -13.96
CA ILE B 536 -13.82 -24.78 -12.76
C ILE B 536 -14.77 -24.76 -11.57
N THR B 537 -15.58 -23.71 -11.46
CA THR B 537 -16.55 -23.63 -10.37
C THR B 537 -17.62 -24.71 -10.49
N ILE B 538 -18.11 -24.95 -11.70
CA ILE B 538 -19.11 -26.01 -11.88
C ILE B 538 -18.50 -27.37 -11.57
N ALA B 539 -17.22 -27.57 -11.90
CA ALA B 539 -16.57 -28.82 -11.52
C ALA B 539 -16.43 -28.94 -10.01
N ARG B 540 -16.07 -27.84 -9.35
CA ARG B 540 -15.98 -27.85 -7.90
C ARG B 540 -17.31 -28.20 -7.26
N ALA B 541 -18.41 -27.72 -7.86
CA ALA B 541 -19.72 -28.01 -7.30
C ALA B 541 -20.16 -29.43 -7.60
N VAL B 542 -19.80 -29.96 -8.76
CA VAL B 542 -20.17 -31.34 -9.09
C VAL B 542 -19.32 -32.34 -8.35
N LEU B 543 -18.16 -31.94 -7.83
CA LEU B 543 -17.35 -32.86 -7.04
C LEU B 543 -17.96 -33.11 -5.67
N ALA B 544 -18.56 -32.09 -5.07
CA ALA B 544 -19.11 -32.19 -3.73
C ALA B 544 -20.42 -32.96 -3.68
N ARG B 545 -20.86 -33.55 -4.80
CA ARG B 545 -22.10 -34.29 -4.98
C ARG B 545 -23.26 -33.68 -4.18
N PRO B 546 -23.72 -32.49 -4.54
CA PRO B 546 -24.81 -31.86 -3.80
C PRO B 546 -26.13 -32.58 -4.06
N LYS B 547 -27.16 -32.13 -3.34
CA LYS B 547 -28.49 -32.71 -3.49
C LYS B 547 -29.59 -31.68 -3.70
N LEU B 548 -29.29 -30.38 -3.63
CA LEU B 548 -30.32 -29.36 -3.74
C LEU B 548 -29.63 -28.07 -4.19
N LEU B 549 -29.71 -27.78 -5.49
CA LEU B 549 -28.86 -26.74 -6.07
C LEU B 549 -29.45 -25.35 -5.91
N VAL B 550 -28.58 -24.38 -5.62
CA VAL B 550 -28.92 -22.97 -5.76
C VAL B 550 -27.89 -22.35 -6.70
N LEU B 551 -28.35 -21.71 -7.76
CA LEU B 551 -27.42 -21.33 -8.81
C LEU B 551 -28.07 -20.32 -9.73
N ASP B 552 -27.24 -19.49 -10.35
CA ASP B 552 -27.71 -18.47 -11.26
C ASP B 552 -27.21 -18.74 -12.67
N GLU B 553 -27.95 -18.21 -13.65
CA GLU B 553 -27.65 -18.42 -15.06
C GLU B 553 -27.14 -17.15 -15.73
N ALA B 554 -26.46 -16.29 -14.97
CA ALA B 554 -25.85 -15.12 -15.55
C ALA B 554 -24.55 -15.49 -16.26
N THR B 555 -24.12 -14.61 -17.15
CA THR B 555 -22.97 -14.86 -18.01
C THR B 555 -21.97 -13.74 -17.88
N SER B 556 -20.87 -13.85 -18.64
CA SER B 556 -19.85 -12.82 -18.70
C SER B 556 -19.02 -13.03 -19.95
N SER B 557 -19.01 -12.04 -20.84
CA SER B 557 -18.25 -12.11 -22.10
C SER B 557 -18.63 -13.37 -22.89
N VAL B 558 -19.88 -13.38 -23.32
CA VAL B 558 -20.45 -14.58 -23.92
C VAL B 558 -19.69 -14.96 -25.19
N ASP B 559 -19.06 -16.14 -25.15
CA ASP B 559 -18.50 -16.77 -26.33
C ASP B 559 -19.56 -17.66 -26.98
N THR B 560 -19.15 -18.53 -27.88
CA THR B 560 -20.01 -19.59 -28.37
C THR B 560 -19.60 -20.96 -27.82
N ARG B 561 -18.33 -21.32 -27.98
CA ARG B 561 -17.86 -22.61 -27.48
C ARG B 561 -18.01 -22.69 -25.96
N THR B 562 -17.53 -21.67 -25.24
CA THR B 562 -17.61 -21.70 -23.78
C THR B 562 -19.05 -21.50 -23.31
N GLU B 563 -19.86 -20.75 -24.04
CA GLU B 563 -21.25 -20.59 -23.66
C GLU B 563 -22.00 -21.92 -23.75
N LEU B 564 -21.80 -22.65 -24.85
CA LEU B 564 -22.43 -23.96 -24.97
C LEU B 564 -21.88 -24.93 -23.93
N LEU B 565 -20.57 -24.86 -23.67
CA LEU B 565 -19.97 -25.71 -22.65
C LEU B 565 -20.61 -25.47 -21.29
N ILE B 566 -20.75 -24.20 -20.90
CA ILE B 566 -21.36 -23.87 -19.62
C ILE B 566 -22.80 -24.32 -19.57
N ALA B 567 -23.56 -24.07 -20.65
CA ALA B 567 -24.96 -24.48 -20.66
C ALA B 567 -25.10 -25.99 -20.47
N HIS B 568 -24.31 -26.77 -21.20
CA HIS B 568 -24.45 -28.22 -21.11
C HIS B 568 -23.95 -28.75 -19.76
N ALA B 569 -22.84 -28.19 -19.25
CA ALA B 569 -22.33 -28.65 -17.97
C ALA B 569 -23.30 -28.34 -16.84
N MET B 570 -23.86 -27.13 -16.83
CA MET B 570 -24.79 -26.74 -15.78
C MET B 570 -26.19 -27.27 -16.01
N ALA B 571 -26.45 -27.89 -17.16
CA ALA B 571 -27.68 -28.65 -17.33
C ALA B 571 -27.51 -30.12 -17.00
N GLU B 572 -26.28 -30.63 -17.05
CA GLU B 572 -26.01 -31.98 -16.56
C GLU B 572 -25.64 -32.01 -15.08
N LEU B 573 -25.40 -30.85 -14.48
CA LEU B 573 -25.29 -30.79 -13.02
C LEU B 573 -26.66 -30.97 -12.37
N ARG B 574 -27.70 -30.46 -13.01
CA ARG B 574 -29.08 -30.57 -12.51
C ARG B 574 -29.74 -31.83 -13.09
N ARG B 575 -29.16 -32.98 -12.75
CA ARG B 575 -29.71 -34.26 -13.20
C ARG B 575 -31.09 -34.49 -12.63
N ASP B 576 -31.18 -34.62 -11.30
CA ASP B 576 -32.44 -34.89 -10.62
C ASP B 576 -32.60 -33.97 -9.41
N ARG B 577 -31.65 -33.07 -9.19
CA ARG B 577 -31.64 -32.23 -8.01
C ARG B 577 -32.75 -31.20 -8.10
N THR B 578 -33.30 -30.83 -6.94
CA THR B 578 -34.20 -29.69 -6.86
C THR B 578 -33.40 -28.40 -6.93
N SER B 579 -33.72 -27.54 -7.87
CA SER B 579 -32.91 -26.37 -8.14
C SER B 579 -33.72 -25.09 -7.93
N PHE B 580 -33.05 -24.07 -7.41
CA PHE B 580 -33.60 -22.73 -7.31
C PHE B 580 -32.81 -21.85 -8.27
N ILE B 581 -33.21 -21.86 -9.53
CA ILE B 581 -32.42 -21.28 -10.61
C ILE B 581 -32.78 -19.81 -10.76
N ILE B 582 -31.77 -18.95 -10.73
CA ILE B 582 -31.97 -17.56 -11.10
C ILE B 582 -31.91 -17.47 -12.61
N ALA B 583 -33.06 -17.61 -13.26
CA ALA B 583 -33.11 -17.87 -14.70
C ALA B 583 -32.89 -16.60 -15.50
N HIS B 584 -31.92 -16.65 -16.42
CA HIS B 584 -31.67 -15.59 -17.38
C HIS B 584 -31.55 -16.18 -18.79
N ARG B 585 -32.21 -17.30 -19.04
CA ARG B 585 -32.19 -17.95 -20.34
C ARG B 585 -33.59 -18.47 -20.64
N LEU B 586 -33.99 -18.37 -21.91
CA LEU B 586 -35.36 -18.69 -22.29
C LEU B 586 -35.66 -20.18 -22.14
N SER B 587 -34.68 -21.03 -22.45
CA SER B 587 -34.92 -22.47 -22.42
C SER B 587 -35.34 -22.93 -21.03
N THR B 588 -34.67 -22.43 -19.99
CA THR B 588 -34.97 -22.86 -18.63
C THR B 588 -36.27 -22.25 -18.12
N ILE B 589 -36.52 -20.97 -18.41
CA ILE B 589 -37.75 -20.35 -17.94
C ILE B 589 -38.96 -20.99 -18.63
N ARG B 590 -38.80 -21.48 -19.85
CA ARG B 590 -39.88 -22.21 -20.49
C ARG B 590 -40.25 -23.46 -19.71
N ASP B 591 -39.24 -24.20 -19.24
CA ASP B 591 -39.46 -25.42 -18.48
C ASP B 591 -39.23 -25.10 -17.01
N ALA B 592 -40.27 -24.58 -16.36
CA ALA B 592 -40.23 -24.26 -14.95
C ALA B 592 -41.59 -24.59 -14.34
N ASP B 593 -41.70 -24.45 -13.02
CA ASP B 593 -42.92 -24.79 -12.33
C ASP B 593 -43.43 -23.73 -11.37
N LEU B 594 -42.57 -22.90 -10.80
CA LEU B 594 -43.01 -21.90 -9.82
C LEU B 594 -42.30 -20.58 -10.09
N ILE B 595 -42.35 -20.14 -11.34
CA ILE B 595 -41.70 -18.90 -11.76
C ILE B 595 -42.10 -17.76 -10.83
N LEU B 596 -41.10 -17.02 -10.36
CA LEU B 596 -41.31 -15.89 -9.48
C LEU B 596 -40.68 -14.64 -10.10
N VAL B 597 -41.45 -13.55 -10.14
CA VAL B 597 -40.90 -12.26 -10.50
C VAL B 597 -40.70 -11.46 -9.23
N MET B 598 -39.61 -10.71 -9.18
CA MET B 598 -39.23 -9.96 -7.99
C MET B 598 -39.25 -8.47 -8.31
N ASP B 599 -40.20 -7.74 -7.73
CA ASP B 599 -40.35 -6.32 -8.03
C ASP B 599 -39.66 -5.51 -6.93
N SER B 600 -38.32 -5.46 -7.02
CA SER B 600 -37.46 -4.84 -6.02
C SER B 600 -37.70 -5.48 -4.65
N GLY B 601 -37.32 -6.75 -4.57
CA GLY B 601 -37.90 -7.62 -3.58
C GLY B 601 -39.29 -7.99 -4.04
N ARG B 602 -40.13 -8.46 -3.11
CA ARG B 602 -41.55 -8.53 -3.36
C ARG B 602 -41.86 -9.42 -4.58
N ILE B 603 -41.72 -10.72 -4.36
CA ILE B 603 -42.41 -11.67 -5.23
C ILE B 603 -43.90 -11.39 -5.17
N ILE B 604 -44.47 -10.96 -6.29
CA ILE B 604 -45.90 -10.68 -6.37
C ILE B 604 -46.62 -11.54 -7.41
N GLU B 605 -45.88 -12.31 -8.20
CA GLU B 605 -46.48 -13.14 -9.24
C GLU B 605 -46.26 -14.62 -8.93
N ARG B 606 -46.79 -15.45 -9.81
CA ARG B 606 -46.73 -16.91 -9.67
C ARG B 606 -47.07 -17.51 -11.03
N GLY B 607 -47.24 -18.82 -11.08
CA GLY B 607 -47.74 -19.44 -12.29
C GLY B 607 -46.66 -20.26 -12.99
N THR B 608 -47.13 -21.09 -13.92
CA THR B 608 -46.29 -22.04 -14.64
C THR B 608 -45.98 -21.60 -16.07
N HIS B 609 -45.90 -20.29 -16.30
CA HIS B 609 -45.61 -19.68 -17.60
C HIS B 609 -46.80 -19.81 -18.55
N GLU B 610 -47.79 -20.62 -18.21
CA GLU B 610 -48.95 -20.78 -19.08
C GLU B 610 -50.07 -19.83 -18.67
N GLU B 611 -50.54 -19.96 -17.42
CA GLU B 611 -51.38 -18.92 -16.84
C GLU B 611 -50.59 -17.63 -16.62
N LEU B 612 -49.26 -17.70 -16.69
CA LEU B 612 -48.45 -16.50 -16.64
C LEU B 612 -48.19 -15.92 -18.03
N LEU B 613 -48.44 -16.69 -19.09
CA LEU B 613 -48.37 -16.16 -20.44
C LEU B 613 -49.71 -15.65 -20.93
N ALA B 614 -50.81 -16.27 -20.48
CA ALA B 614 -52.14 -15.75 -20.81
C ALA B 614 -52.38 -14.41 -20.13
N ARG B 615 -51.98 -14.29 -18.87
CA ARG B 615 -52.06 -13.05 -18.10
C ARG B 615 -50.71 -12.35 -18.05
N HIS B 616 -49.96 -12.37 -19.15
CA HIS B 616 -48.54 -12.04 -19.17
C HIS B 616 -48.23 -10.71 -18.52
N GLY B 617 -48.72 -9.61 -19.10
CA GLY B 617 -48.43 -8.30 -18.55
C GLY B 617 -46.95 -8.05 -18.36
N ARG B 618 -46.51 -8.02 -17.11
CA ARG B 618 -45.10 -7.84 -16.79
C ARG B 618 -44.26 -9.00 -17.30
N TYR B 619 -44.81 -10.21 -17.26
CA TYR B 619 -44.02 -11.41 -17.48
C TYR B 619 -43.42 -11.45 -18.88
N TRP B 620 -44.26 -11.36 -19.91
CA TRP B 620 -43.77 -11.52 -21.28
C TRP B 620 -42.90 -10.35 -21.70
N GLU B 621 -43.30 -9.13 -21.35
CA GLU B 621 -42.47 -7.98 -21.69
C GLU B 621 -41.13 -8.00 -20.97
N MET B 622 -41.05 -8.67 -19.81
CA MET B 622 -39.78 -8.79 -19.12
C MET B 622 -38.91 -9.88 -19.73
N THR B 623 -39.50 -11.04 -20.02
CA THR B 623 -38.74 -12.13 -20.63
C THR B 623 -38.47 -11.92 -22.12
N ARG B 624 -39.00 -10.85 -22.71
CA ARG B 624 -38.71 -10.54 -24.10
C ARG B 624 -37.29 -9.99 -24.26
#